data_9W78
#
_entry.id   9W78
#
_cell.length_a   1.00
_cell.length_b   1.00
_cell.length_c   1.00
_cell.angle_alpha   90.00
_cell.angle_beta   90.00
_cell.angle_gamma   90.00
#
_symmetry.space_group_name_H-M   'P 1'
#
loop_
_entity.id
_entity.type
_entity.pdbx_description
1 polymer 'Spike protein S1'
2 polymer 'Angiotensin-converting enzyme'
3 branched 2-acetamido-2-deoxy-beta-D-glucopyranose-(1-4)-2-acetamido-2-deoxy-beta-D-glucopyranose
4 branched alpha-D-mannopyranose-(1-2)-alpha-D-mannopyranose-(1-3)-[alpha-D-mannopyranose-(1-6)]beta-D-mannopyranose-(1-4)-2-acetamido-2-deoxy-beta-D-glucopyranose-(1-4)-2-acetamido-2-deoxy-beta-D-glucopyranose
5 non-polymer 2-acetamido-2-deoxy-beta-D-glucopyranose
#
loop_
_entity_poly.entity_id
_entity_poly.type
_entity_poly.pdbx_seq_one_letter_code
_entity_poly.pdbx_strand_id
1 'polypeptide(L)'
;RVQPQDTVVRFPNITNLCPFSEVFNATTFASVYAWNRKRISNCVADYSVLYNSTSFSTFQCYGVSSTKLNDLCFTNVYAD
SFVVRGDEVRQIAPGQTGVIADYNYKLPDDFTGCVLAWNSRNQDASTSGNFNYYYRIWRSEKLRPFERDIAHYDYQVGTQ
FKSSLKNYGFYSSAGDSHQPYRVVVLSFELLNAPATVCGPKQSTELIKNKCVNF
;
D
2 'polypeptide(L)'
;MSGSSWLLLSLVAVTAAQSTTEDEAKKFLNDFNSEAENLTYQSSLASWDYNTNISDENVQKMDEAGAKWSAFYEEQSKIA
KNYPLEEIQTDIVKRQLQILQQSGSPVLSEDKSKRLNSILNAMSTIYSTGKVCKPNNPQECLLLEPGLDNIMGTSKDYHE
RLWAWEGWRAEVGKQLRPLYEEYVVLKNEMARGYHYEDYGDYWRRDYETEESSGPGYSRDQLMKDVDRIFTEIKPLYEHL
HAYVRAKLMDTYPLHISPTGCLPAHLLGDMWGRFWTNLYPLTVPFGQKPNIDVTDEMVKQGWDANRIFKEAEKFFVSVGL
PNMTEGFWNNSMLTEPGDGRKVVCHPTAWDLGKGDFRIKMCTKVTMEDFLTAHHEMGHIQYDMAYASQPYLLRNGANEGF
HEAVGEVMSLSVATPKHLKTMGLLSPDFREDDETEINFLLKQALNIVGTLPFTYMLEKWRWMVFKGEIPKEEWMKKWWEM
RREIVGVVEPVPHDETYCDPASLFHVANDYSFIRYYTRTIFEFQFHEALCRIAQHNGPLHKCDISNSTDAGKKLHQMLSV
GKSQAWTKTLEDIVGSRNMDVGPLLRYFEPLYTWLQEQNRKSYVGWNTDWSPYSDQSIKVRISLKSALGEKAYEWNDNEM
YLFRSSVAYAMREYFLKTKNQTILFGDENVWVSNLKPRISFNFHVTSPENVSDIIPRSEVEGAIRMSRSRINDAFRLDDN
SLEFLGIQPTL
;
C
#
# COMPACT_ATOMS: atom_id res chain seq x y z
N PRO A 19 49.71 -18.83 -4.78
CA PRO A 19 49.78 -19.43 -6.11
C PRO A 19 49.78 -20.95 -6.09
N PHE A 20 49.66 -21.53 -4.91
CA PHE A 20 49.63 -22.98 -4.78
C PHE A 20 48.19 -23.50 -4.85
N SER A 21 48.08 -24.80 -5.10
CA SER A 21 46.76 -25.41 -5.28
C SER A 21 46.02 -25.58 -3.97
N GLU A 22 46.73 -25.86 -2.88
CA GLU A 22 46.08 -26.13 -1.61
C GLU A 22 45.54 -24.87 -0.95
N VAL A 23 46.06 -23.70 -1.31
CA VAL A 23 45.51 -22.45 -0.77
C VAL A 23 44.15 -22.16 -1.39
N PHE A 24 44.03 -22.32 -2.71
CA PHE A 24 42.81 -21.96 -3.41
C PHE A 24 41.80 -23.09 -3.49
N ASN A 25 42.21 -24.33 -3.24
CA ASN A 25 41.33 -25.49 -3.36
C ASN A 25 41.09 -26.16 -2.01
N ALA A 26 41.27 -25.44 -0.91
CA ALA A 26 40.98 -25.98 0.41
C ALA A 26 39.47 -26.17 0.58
N THR A 27 39.10 -27.30 1.19
CA THR A 27 37.68 -27.60 1.38
C THR A 27 37.06 -26.67 2.42
N THR A 28 37.78 -26.41 3.50
CA THR A 28 37.30 -25.52 4.56
C THR A 28 38.17 -24.28 4.59
N PHE A 29 37.53 -23.12 4.49
CA PHE A 29 38.19 -21.83 4.55
C PHE A 29 37.96 -21.18 5.91
N ALA A 30 38.91 -20.35 6.32
CA ALA A 30 38.86 -19.73 7.63
C ALA A 30 37.91 -18.54 7.65
N SER A 31 37.44 -18.20 8.84
CA SER A 31 36.64 -17.00 9.03
C SER A 31 37.54 -15.77 8.94
N VAL A 32 36.91 -14.61 8.75
CA VAL A 32 37.66 -13.39 8.49
C VAL A 32 38.37 -12.90 9.76
N TYR A 33 37.73 -13.06 10.93
CA TYR A 33 38.34 -12.61 12.17
C TYR A 33 39.57 -13.43 12.54
N ALA A 34 39.54 -14.73 12.24
CA ALA A 34 40.67 -15.63 12.46
C ALA A 34 41.01 -16.27 11.13
N TRP A 35 41.80 -15.58 10.32
CA TRP A 35 42.14 -16.07 9.00
C TRP A 35 43.33 -17.02 9.07
N ASN A 36 43.65 -17.60 7.91
CA ASN A 36 44.74 -18.56 7.79
C ASN A 36 45.82 -17.95 6.91
N ARG A 37 47.03 -17.81 7.46
CA ARG A 37 48.18 -17.32 6.72
C ARG A 37 49.09 -18.49 6.41
N LYS A 38 49.43 -18.67 5.13
CA LYS A 38 50.32 -19.72 4.67
C LYS A 38 51.58 -19.08 4.10
N ARG A 39 52.73 -19.57 4.56
CA ARG A 39 54.02 -19.05 4.09
C ARG A 39 54.54 -19.91 2.95
N ILE A 40 54.87 -19.27 1.83
CA ILE A 40 55.33 -19.95 0.62
C ILE A 40 56.75 -19.48 0.32
N SER A 41 57.66 -20.42 0.12
CA SER A 41 59.05 -20.10 -0.17
C SER A 41 59.64 -21.01 -1.25
N ASN A 42 58.80 -21.53 -2.13
CA ASN A 42 59.25 -22.40 -3.21
C ASN A 42 59.51 -21.56 -4.47
N CYS A 43 59.69 -22.23 -5.61
CA CYS A 43 59.90 -21.55 -6.87
C CYS A 43 58.85 -21.90 -7.92
N VAL A 44 57.92 -22.81 -7.60
CA VAL A 44 56.87 -23.20 -8.54
C VAL A 44 55.77 -22.15 -8.52
N ALA A 45 55.88 -21.15 -9.40
CA ALA A 45 54.87 -20.09 -9.49
C ALA A 45 54.82 -19.65 -10.94
N ASP A 46 53.89 -20.21 -11.71
CA ASP A 46 53.73 -19.86 -13.11
C ASP A 46 52.73 -18.73 -13.33
N TYR A 47 51.74 -18.60 -12.44
CA TYR A 47 50.73 -17.55 -12.43
C TYR A 47 49.82 -17.55 -13.66
N SER A 48 49.96 -18.54 -14.55
CA SER A 48 49.11 -18.61 -15.72
C SER A 48 47.72 -19.12 -15.38
N VAL A 49 47.62 -20.00 -14.38
CA VAL A 49 46.32 -20.48 -13.93
C VAL A 49 45.51 -19.33 -13.33
N LEU A 50 46.17 -18.48 -12.53
CA LEU A 50 45.49 -17.33 -11.93
C LEU A 50 45.08 -16.33 -13.00
N TYR A 51 45.89 -16.16 -14.04
CA TYR A 51 45.57 -15.20 -15.09
C TYR A 51 44.41 -15.69 -15.97
N ASN A 52 44.47 -16.96 -16.39
CA ASN A 52 43.56 -17.48 -17.39
C ASN A 52 42.47 -18.37 -16.81
N SER A 53 42.28 -18.36 -15.49
CA SER A 53 41.22 -19.15 -14.89
C SER A 53 39.84 -18.59 -15.23
N THR A 54 39.72 -17.25 -15.25
CA THR A 54 38.47 -16.52 -15.50
C THR A 54 37.37 -16.92 -14.53
N SER A 55 37.74 -17.36 -13.33
CA SER A 55 36.81 -17.67 -12.26
C SER A 55 36.90 -16.70 -11.10
N PHE A 56 37.82 -15.74 -11.16
CA PHE A 56 38.02 -14.78 -10.09
C PHE A 56 37.19 -13.54 -10.35
N SER A 57 36.34 -13.19 -9.39
CA SER A 57 35.53 -11.97 -9.52
C SER A 57 36.38 -10.72 -9.35
N THR A 58 37.39 -10.77 -8.49
CA THR A 58 38.29 -9.65 -8.27
C THR A 58 39.73 -10.10 -8.44
N PHE A 59 40.47 -9.43 -9.33
CA PHE A 59 41.88 -9.68 -9.53
C PHE A 59 42.63 -8.36 -9.71
N GLN A 60 42.17 -7.32 -9.02
CA GLN A 60 42.77 -6.00 -9.09
C GLN A 60 43.76 -5.84 -7.95
N CYS A 61 44.99 -5.41 -8.27
CA CYS A 61 45.99 -5.27 -7.24
C CYS A 61 46.98 -4.16 -7.58
N TYR A 62 47.81 -3.86 -6.59
CA TYR A 62 48.56 -2.61 -6.51
C TYR A 62 50.00 -2.91 -6.12
N GLY A 63 50.90 -2.01 -6.50
CA GLY A 63 52.32 -2.21 -6.34
C GLY A 63 52.97 -3.03 -7.42
N VAL A 64 52.21 -3.84 -8.15
CA VAL A 64 52.69 -4.58 -9.30
C VAL A 64 51.69 -4.40 -10.43
N SER A 65 52.17 -4.59 -11.66
CA SER A 65 51.35 -4.40 -12.84
C SER A 65 50.55 -5.64 -13.22
N SER A 66 50.70 -6.73 -12.46
CA SER A 66 50.03 -8.02 -12.68
C SER A 66 50.36 -8.64 -14.05
N THR A 67 51.44 -8.20 -14.68
CA THR A 67 51.95 -8.74 -15.92
C THR A 67 53.43 -9.09 -15.82
N LYS A 68 54.21 -8.30 -15.08
CA LYS A 68 55.60 -8.61 -14.79
C LYS A 68 55.78 -9.36 -13.48
N LEU A 69 54.79 -10.17 -13.11
CA LEU A 69 54.81 -10.92 -11.87
C LEU A 69 55.55 -12.26 -12.01
N ASN A 70 55.61 -12.81 -13.21
CA ASN A 70 56.22 -14.13 -13.40
C ASN A 70 57.72 -14.11 -13.20
N ASP A 71 58.40 -13.08 -13.72
CA ASP A 71 59.85 -13.03 -13.64
C ASP A 71 60.36 -12.45 -12.33
N LEU A 72 59.58 -11.60 -11.67
CA LEU A 72 60.03 -10.99 -10.42
C LEU A 72 59.97 -12.01 -9.28
N CYS A 73 60.96 -11.95 -8.40
CA CYS A 73 61.07 -12.85 -7.26
C CYS A 73 60.99 -12.06 -5.96
N PHE A 74 60.63 -12.77 -4.89
CA PHE A 74 60.43 -12.14 -3.59
C PHE A 74 61.03 -13.04 -2.50
N THR A 75 61.28 -12.43 -1.34
CA THR A 75 61.83 -13.17 -0.21
C THR A 75 60.84 -14.17 0.35
N ASN A 76 59.59 -13.76 0.53
CA ASN A 76 58.56 -14.65 1.04
C ASN A 76 57.21 -14.20 0.49
N VAL A 77 56.28 -15.16 0.41
CA VAL A 77 54.93 -14.93 -0.06
C VAL A 77 53.95 -15.37 1.03
N TYR A 78 53.05 -14.47 1.42
CA TYR A 78 52.06 -14.75 2.45
C TYR A 78 50.68 -14.75 1.81
N ALA A 79 49.92 -15.83 2.04
CA ALA A 79 48.60 -16.00 1.47
C ALA A 79 47.57 -16.11 2.58
N ASP A 80 46.51 -15.30 2.50
CA ASP A 80 45.44 -15.28 3.47
C ASP A 80 44.18 -15.90 2.89
N SER A 81 43.18 -16.13 3.75
CA SER A 81 41.95 -16.79 3.33
C SER A 81 40.81 -16.37 4.24
N PHE A 82 39.78 -15.73 3.68
CA PHE A 82 38.56 -15.40 4.39
C PHE A 82 37.35 -15.57 3.48
N VAL A 83 36.17 -15.62 4.10
CA VAL A 83 34.90 -15.90 3.44
C VAL A 83 33.98 -14.71 3.67
N VAL A 84 34.53 -13.49 3.53
CA VAL A 84 33.73 -12.28 3.69
C VAL A 84 32.56 -12.23 2.69
N ARG A 85 31.59 -11.38 3.00
CA ARG A 85 30.41 -11.21 2.16
C ARG A 85 30.79 -10.50 0.86
N GLY A 86 29.83 -10.45 -0.06
CA GLY A 86 30.09 -9.89 -1.38
C GLY A 86 30.34 -8.40 -1.37
N ASP A 87 29.65 -7.67 -0.50
CA ASP A 87 29.78 -6.22 -0.46
C ASP A 87 30.98 -5.75 0.36
N GLU A 88 31.68 -6.64 1.06
CA GLU A 88 32.90 -6.28 1.76
C GLU A 88 34.15 -6.85 1.11
N VAL A 89 34.05 -7.30 -0.14
CA VAL A 89 35.25 -7.62 -0.91
C VAL A 89 36.02 -6.35 -1.22
N ARG A 90 35.32 -5.24 -1.46
CA ARG A 90 35.97 -3.96 -1.70
C ARG A 90 36.69 -3.42 -0.47
N GLN A 91 36.31 -3.88 0.73
CA GLN A 91 36.99 -3.44 1.94
C GLN A 91 38.37 -4.06 2.09
N ILE A 92 38.66 -5.13 1.36
CA ILE A 92 39.97 -5.77 1.45
C ILE A 92 41.03 -4.95 0.75
N ALA A 93 40.63 -3.97 -0.06
CA ALA A 93 41.57 -3.01 -0.62
C ALA A 93 42.14 -2.12 0.49
N PRO A 94 43.30 -1.51 0.26
CA PRO A 94 43.83 -0.55 1.24
C PRO A 94 43.20 0.83 1.10
N GLY A 95 42.97 1.46 2.25
CA GLY A 95 42.66 2.88 2.30
C GLY A 95 41.19 3.27 2.39
N GLN A 96 40.38 2.47 3.08
CA GLN A 96 38.99 2.85 3.32
C GLN A 96 38.49 2.12 4.57
N THR A 97 37.37 2.60 5.09
CA THR A 97 36.79 2.09 6.33
C THR A 97 35.88 0.90 6.03
N GLY A 98 35.09 0.50 7.02
CA GLY A 98 34.25 -0.68 6.93
C GLY A 98 34.47 -1.57 8.13
N VAL A 99 33.52 -2.45 8.43
CA VAL A 99 33.66 -3.31 9.61
C VAL A 99 34.79 -4.32 9.43
N ILE A 100 34.94 -4.88 8.22
CA ILE A 100 36.03 -5.81 7.94
C ILE A 100 37.36 -5.07 7.89
N ALA A 101 37.38 -3.87 7.32
CA ALA A 101 38.62 -3.13 7.19
C ALA A 101 39.09 -2.56 8.52
N ASP A 102 38.19 -2.38 9.48
CA ASP A 102 38.57 -1.79 10.76
C ASP A 102 38.81 -2.85 11.83
N TYR A 103 37.84 -3.72 12.06
CA TYR A 103 37.91 -4.66 13.18
C TYR A 103 38.43 -6.02 12.78
N ASN A 104 38.20 -6.44 11.56
CA ASN A 104 38.77 -7.65 10.99
C ASN A 104 40.07 -7.30 10.24
N TYR A 105 40.51 -8.20 9.36
CA TYR A 105 41.67 -8.06 8.47
C TYR A 105 41.80 -6.67 7.86
N LYS A 106 42.94 -6.03 8.09
CA LYS A 106 43.22 -4.68 7.60
C LYS A 106 44.53 -4.69 6.84
N LEU A 107 44.55 -3.99 5.70
CA LEU A 107 45.73 -3.91 4.85
C LEU A 107 46.43 -2.57 4.99
N PRO A 108 47.77 -2.55 4.93
CA PRO A 108 48.49 -1.28 5.04
C PRO A 108 48.34 -0.44 3.78
N ASP A 109 48.66 0.84 3.92
CA ASP A 109 48.57 1.78 2.80
C ASP A 109 49.54 1.41 1.68
N ASP A 110 50.75 0.99 2.03
CA ASP A 110 51.73 0.52 1.06
C ASP A 110 51.60 -1.00 0.98
N PHE A 111 50.85 -1.47 0.01
CA PHE A 111 50.60 -2.90 -0.18
C PHE A 111 51.26 -3.38 -1.46
N THR A 112 52.06 -4.44 -1.35
CA THR A 112 52.78 -4.98 -2.49
C THR A 112 52.37 -6.42 -2.79
N GLY A 113 51.07 -6.71 -2.72
CA GLY A 113 50.57 -8.04 -3.00
C GLY A 113 49.35 -7.98 -3.88
N CYS A 114 48.68 -9.13 -4.02
CA CYS A 114 47.49 -9.18 -4.85
C CYS A 114 46.34 -9.89 -4.16
N VAL A 115 45.13 -9.42 -4.45
CA VAL A 115 43.89 -9.86 -3.82
C VAL A 115 43.04 -10.58 -4.86
N LEU A 116 42.64 -11.80 -4.54
CA LEU A 116 41.81 -12.62 -5.42
C LEU A 116 40.55 -13.04 -4.68
N ALA A 117 39.42 -12.98 -5.36
CA ALA A 117 38.14 -13.35 -4.75
C ALA A 117 37.26 -14.03 -5.78
N TRP A 118 36.39 -14.92 -5.29
CA TRP A 118 35.43 -15.60 -6.14
C TRP A 118 34.23 -16.02 -5.30
N ASN A 119 33.10 -16.18 -5.98
CA ASN A 119 31.88 -16.59 -5.31
C ASN A 119 31.97 -18.04 -4.85
N SER A 120 31.35 -18.32 -3.71
CA SER A 120 31.34 -19.64 -3.12
C SER A 120 29.96 -19.99 -2.61
N ARG A 121 28.94 -19.68 -3.42
CA ARG A 121 27.57 -20.00 -3.06
C ARG A 121 27.31 -21.50 -3.04
N ASN A 122 28.00 -22.25 -3.91
CA ASN A 122 27.79 -23.68 -4.00
C ASN A 122 28.40 -24.45 -2.83
N GLN A 123 29.37 -23.86 -2.13
CA GLN A 123 30.05 -24.53 -1.03
C GLN A 123 29.75 -23.94 0.34
N ASP A 124 29.48 -22.63 0.44
CA ASP A 124 29.34 -21.97 1.72
C ASP A 124 27.93 -21.44 1.97
N ALA A 125 26.96 -21.77 1.13
CA ALA A 125 25.58 -21.33 1.32
C ALA A 125 24.65 -22.52 1.28
N SER A 126 23.56 -22.42 2.04
CA SER A 126 22.57 -23.48 2.13
C SER A 126 21.18 -22.87 2.08
N THR A 127 20.18 -23.74 1.90
CA THR A 127 18.80 -23.27 1.83
C THR A 127 18.31 -22.77 3.19
N SER A 128 18.66 -23.48 4.26
CA SER A 128 18.28 -23.08 5.60
C SER A 128 19.24 -22.07 6.20
N GLY A 129 20.37 -21.81 5.56
CA GLY A 129 21.34 -20.86 6.07
C GLY A 129 22.59 -21.50 6.62
N ASN A 130 23.75 -20.96 6.27
CA ASN A 130 25.03 -21.43 6.76
C ASN A 130 25.57 -20.39 7.73
N PHE A 131 25.58 -20.72 9.02
CA PHE A 131 25.97 -19.80 10.08
C PHE A 131 27.26 -20.26 10.76
N ASN A 132 28.21 -20.76 9.97
CA ASN A 132 29.47 -21.24 10.49
C ASN A 132 30.61 -20.26 10.31
N TYR A 133 30.36 -19.08 9.77
CA TYR A 133 31.41 -18.11 9.48
C TYR A 133 31.13 -16.84 10.27
N TYR A 134 32.14 -16.36 11.00
CA TYR A 134 31.98 -15.29 11.96
C TYR A 134 32.81 -14.08 11.55
N TYR A 135 32.33 -12.89 11.93
CA TYR A 135 33.07 -11.65 11.77
C TYR A 135 32.97 -10.85 13.06
N ARG A 136 33.97 -10.02 13.31
CA ARG A 136 34.01 -9.18 14.50
C ARG A 136 33.21 -7.90 14.23
N ILE A 137 32.22 -7.64 15.08
CA ILE A 137 31.36 -6.48 14.88
C ILE A 137 31.91 -5.23 15.57
N TRP A 138 32.73 -5.39 16.62
CA TRP A 138 33.25 -4.23 17.32
C TRP A 138 34.55 -4.60 18.02
N ARG A 139 35.44 -3.62 18.09
CA ARG A 139 36.68 -3.75 18.85
C ARG A 139 36.92 -2.44 19.60
N SER A 140 37.73 -2.53 20.65
CA SER A 140 38.05 -1.35 21.45
C SER A 140 38.84 -0.33 20.63
N GLU A 141 39.78 -0.80 19.81
CA GLU A 141 40.58 0.07 18.98
C GLU A 141 40.66 -0.52 17.58
N LYS A 142 40.92 0.35 16.61
CA LYS A 142 41.06 -0.09 15.23
C LYS A 142 42.31 -0.94 15.06
N LEU A 143 42.22 -1.94 14.20
CA LEU A 143 43.33 -2.87 14.00
C LEU A 143 44.47 -2.20 13.24
N ARG A 144 45.69 -2.42 13.72
CA ARG A 144 46.86 -2.06 12.95
C ARG A 144 47.00 -3.01 11.76
N PRO A 145 47.70 -2.58 10.70
CA PRO A 145 47.85 -3.46 9.52
C PRO A 145 48.56 -4.77 9.86
N PHE A 146 47.99 -5.86 9.33
CA PHE A 146 48.54 -7.21 9.41
C PHE A 146 48.67 -7.68 10.87
N GLU A 147 47.56 -7.62 11.59
CA GLU A 147 47.49 -8.20 12.92
C GLU A 147 46.15 -8.90 13.09
N ARG A 148 46.15 -9.94 13.92
CA ARG A 148 44.99 -10.80 14.10
C ARG A 148 44.68 -10.94 15.58
N ASP A 149 43.38 -10.98 15.91
CA ASP A 149 42.94 -11.23 17.26
C ASP A 149 41.86 -12.31 17.24
N ILE A 150 42.01 -13.30 18.11
CA ILE A 150 41.09 -14.44 18.19
C ILE A 150 40.34 -14.48 19.51
N ALA A 151 40.58 -13.54 20.42
CA ALA A 151 40.04 -13.63 21.76
C ALA A 151 38.53 -13.44 21.76
N HIS A 152 37.81 -14.37 22.38
CA HIS A 152 36.36 -14.30 22.50
C HIS A 152 36.01 -13.43 23.70
N TYR A 153 35.47 -12.25 23.45
CA TYR A 153 35.06 -11.37 24.52
C TYR A 153 33.70 -10.74 24.18
N ASP A 154 33.02 -10.28 25.22
CA ASP A 154 31.76 -9.59 25.09
C ASP A 154 31.98 -8.08 25.12
N TYR A 155 31.03 -7.35 24.54
CA TYR A 155 31.09 -5.90 24.50
C TYR A 155 29.71 -5.34 24.81
N GLN A 156 29.68 -4.05 25.13
CA GLN A 156 28.50 -3.41 25.69
C GLN A 156 27.74 -2.64 24.61
N VAL A 157 26.47 -2.98 24.45
CA VAL A 157 25.52 -2.17 23.67
C VAL A 157 24.26 -2.00 24.50
N GLY A 158 23.79 -0.76 24.62
CA GLY A 158 22.62 -0.45 25.42
C GLY A 158 22.85 -0.71 26.89
N THR A 159 22.19 -1.75 27.42
CA THR A 159 22.38 -2.19 28.80
C THR A 159 22.70 -3.68 28.87
N GLN A 160 23.10 -4.28 27.76
CA GLN A 160 23.32 -5.72 27.67
C GLN A 160 24.74 -6.01 27.18
N PHE A 161 25.25 -7.15 27.63
CA PHE A 161 26.54 -7.67 27.17
C PHE A 161 26.29 -8.80 26.17
N LYS A 162 26.86 -8.67 24.98
CA LYS A 162 26.77 -9.73 23.98
C LYS A 162 28.11 -9.87 23.27
N SER A 163 28.25 -10.97 22.54
CA SER A 163 29.52 -11.33 21.93
C SER A 163 29.87 -10.37 20.80
N SER A 164 31.17 -10.14 20.64
CA SER A 164 31.69 -9.28 19.57
C SER A 164 31.78 -10.00 18.23
N LEU A 165 31.59 -11.32 18.21
CA LEU A 165 31.62 -12.09 16.97
C LEU A 165 30.19 -12.38 16.55
N LYS A 166 29.78 -11.81 15.42
CA LYS A 166 28.51 -12.12 14.80
C LYS A 166 28.75 -13.04 13.62
N ASN A 167 27.84 -13.99 13.42
CA ASN A 167 28.00 -14.97 12.36
C ASN A 167 27.29 -14.51 11.09
N TYR A 168 27.92 -14.79 9.96
CA TYR A 168 27.33 -14.49 8.66
C TYR A 168 26.12 -15.39 8.41
N GLY A 169 25.07 -14.80 7.85
CA GLY A 169 23.95 -15.58 7.39
C GLY A 169 24.02 -15.82 5.89
N PHE A 170 24.46 -17.00 5.49
CA PHE A 170 24.72 -17.32 4.09
C PHE A 170 23.61 -18.24 3.60
N TYR A 171 22.69 -17.67 2.83
CA TYR A 171 21.58 -18.40 2.24
C TYR A 171 21.81 -18.55 0.74
N SER A 172 21.29 -19.65 0.18
CA SER A 172 21.44 -19.89 -1.25
C SER A 172 20.58 -18.93 -2.07
N SER A 173 19.42 -18.54 -1.56
CA SER A 173 18.52 -17.63 -2.27
C SER A 173 18.76 -16.18 -1.83
N ALA A 174 19.99 -15.73 -1.99
CA ALA A 174 20.39 -14.39 -1.61
C ALA A 174 21.11 -13.73 -2.78
N GLY A 175 21.16 -12.41 -2.75
CA GLY A 175 21.81 -11.66 -3.79
C GLY A 175 23.33 -11.79 -3.74
N ASP A 176 23.97 -11.23 -4.77
CA ASP A 176 25.42 -11.31 -4.88
C ASP A 176 26.12 -10.50 -3.79
N SER A 177 25.45 -9.47 -3.27
CA SER A 177 26.03 -8.70 -2.17
C SER A 177 25.99 -9.44 -0.85
N HIS A 178 25.09 -10.41 -0.71
CA HIS A 178 24.94 -11.17 0.53
C HIS A 178 25.34 -12.63 0.36
N GLN A 179 26.15 -12.92 -0.62
CA GLN A 179 26.62 -14.25 -0.91
C GLN A 179 28.06 -14.43 -0.45
N PRO A 180 28.44 -15.64 -0.05
CA PRO A 180 29.82 -15.86 0.43
C PRO A 180 30.83 -15.72 -0.70
N TYR A 181 31.98 -15.15 -0.35
CA TYR A 181 33.07 -14.92 -1.30
C TYR A 181 34.38 -15.34 -0.65
N ARG A 182 35.02 -16.35 -1.22
CA ARG A 182 36.32 -16.80 -0.73
C ARG A 182 37.40 -15.85 -1.25
N VAL A 183 38.05 -15.13 -0.34
CA VAL A 183 39.03 -14.12 -0.69
C VAL A 183 40.40 -14.62 -0.30
N VAL A 184 41.32 -14.68 -1.26
CA VAL A 184 42.71 -15.05 -1.01
C VAL A 184 43.58 -13.84 -1.33
N VAL A 185 44.34 -13.39 -0.34
CA VAL A 185 45.16 -12.20 -0.46
C VAL A 185 46.62 -12.61 -0.41
N LEU A 186 47.35 -12.34 -1.49
CA LEU A 186 48.77 -12.59 -1.54
C LEU A 186 49.52 -11.39 -0.98
N SER A 187 50.62 -11.66 -0.29
CA SER A 187 51.45 -10.61 0.29
C SER A 187 52.91 -10.91 0.01
N PHE A 188 53.60 -9.96 -0.60
CA PHE A 188 54.99 -10.16 -1.01
C PHE A 188 55.93 -9.27 -0.20
N SER B 19 31.26 6.37 25.65
CA SER B 19 31.66 7.76 25.51
C SER B 19 30.48 8.64 25.12
N THR B 20 30.60 9.29 23.96
CA THR B 20 29.51 10.12 23.44
C THR B 20 28.33 9.24 23.02
N THR B 21 27.14 9.83 23.06
CA THR B 21 25.94 9.09 22.75
C THR B 21 25.83 8.73 21.27
N GLU B 22 26.53 9.46 20.39
CA GLU B 22 26.55 9.12 18.98
C GLU B 22 27.20 7.77 18.74
N ASP B 23 28.33 7.51 19.41
CA ASP B 23 29.02 6.23 19.25
C ASP B 23 28.19 5.07 19.81
N GLU B 24 27.54 5.27 20.96
CA GLU B 24 26.71 4.24 21.54
C GLU B 24 25.49 3.96 20.66
N ALA B 25 24.91 5.01 20.09
CA ALA B 25 23.79 4.84 19.16
C ALA B 25 24.23 4.11 17.90
N LYS B 26 25.43 4.41 17.39
CA LYS B 26 25.94 3.72 16.22
C LYS B 26 26.18 2.24 16.50
N LYS B 27 26.74 1.92 17.68
CA LYS B 27 26.92 0.52 18.05
C LYS B 27 25.60 -0.21 18.18
N PHE B 28 24.62 0.43 18.82
CA PHE B 28 23.31 -0.17 18.99
C PHE B 28 22.62 -0.41 17.64
N LEU B 29 22.76 0.55 16.72
CA LEU B 29 22.15 0.40 15.40
C LEU B 29 22.85 -0.69 14.59
N ASN B 30 24.17 -0.80 14.71
CA ASN B 30 24.90 -1.84 14.00
C ASN B 30 24.49 -3.23 14.50
N ASP B 31 24.39 -3.39 15.82
CA ASP B 31 23.96 -4.66 16.38
C ASP B 31 22.51 -4.96 16.01
N PHE B 32 21.65 -3.94 16.03
CA PHE B 32 20.25 -4.12 15.65
C PHE B 32 20.11 -4.55 14.20
N ASN B 33 20.89 -3.93 13.30
CA ASN B 33 20.83 -4.30 11.89
C ASN B 33 21.33 -5.73 11.69
N SER B 34 22.43 -6.09 12.34
CA SER B 34 22.99 -7.43 12.19
C SER B 34 22.04 -8.50 12.69
N GLU B 35 21.32 -8.22 13.77
CA GLU B 35 20.34 -9.18 14.27
C GLU B 35 18.96 -9.03 13.62
N ALA B 36 18.75 -7.98 12.83
CA ALA B 36 17.44 -7.72 12.24
C ALA B 36 17.29 -8.23 10.82
N GLU B 37 18.33 -8.15 9.98
CA GLU B 37 18.21 -8.77 8.65
C GLU B 37 18.01 -10.28 8.75
N ASN B 38 18.62 -10.92 9.77
CA ASN B 38 18.43 -12.34 10.03
C ASN B 38 16.96 -12.68 10.24
N LEU B 39 16.31 -12.00 11.18
CA LEU B 39 14.94 -12.33 11.53
C LEU B 39 13.96 -11.89 10.44
N THR B 40 14.23 -10.75 9.79
CA THR B 40 13.38 -10.31 8.69
C THR B 40 13.46 -11.29 7.52
N TYR B 41 14.66 -11.79 7.20
CA TYR B 41 14.79 -12.74 6.10
C TYR B 41 14.15 -14.08 6.43
N GLN B 42 14.28 -14.53 7.69
CA GLN B 42 13.64 -15.78 8.08
C GLN B 42 12.12 -15.66 8.06
N SER B 43 11.58 -14.53 8.53
CA SER B 43 10.14 -14.30 8.48
C SER B 43 9.65 -14.21 7.04
N SER B 44 10.43 -13.56 6.16
CA SER B 44 10.05 -13.44 4.76
C SER B 44 10.08 -14.80 4.06
N LEU B 45 11.06 -15.64 4.40
CA LEU B 45 11.13 -16.97 3.82
C LEU B 45 9.94 -17.83 4.28
N ALA B 46 9.57 -17.73 5.55
CA ALA B 46 8.40 -18.46 6.03
C ALA B 46 7.12 -17.96 5.38
N SER B 47 6.98 -16.64 5.22
CA SER B 47 5.81 -16.07 4.56
C SER B 47 5.73 -16.50 3.10
N TRP B 48 6.88 -16.54 2.41
CA TRP B 48 6.91 -16.99 1.03
C TRP B 48 6.55 -18.46 0.92
N ASP B 49 7.05 -19.29 1.85
CA ASP B 49 6.73 -20.70 1.85
C ASP B 49 5.25 -20.94 2.11
N TYR B 50 4.60 -20.08 2.89
CA TYR B 50 3.15 -20.20 3.04
C TYR B 50 2.41 -19.71 1.79
N ASN B 51 2.84 -18.58 1.23
CA ASN B 51 2.07 -17.95 0.16
C ASN B 51 2.18 -18.71 -1.15
N THR B 52 3.30 -19.38 -1.40
CA THR B 52 3.43 -20.21 -2.58
C THR B 52 3.06 -21.67 -2.31
N ASN B 53 2.82 -22.04 -1.06
CA ASN B 53 2.47 -23.41 -0.70
C ASN B 53 1.60 -23.33 0.56
N ILE B 54 0.28 -23.26 0.35
CA ILE B 54 -0.65 -23.04 1.45
C ILE B 54 -0.95 -24.37 2.12
N SER B 55 -0.61 -24.46 3.41
CA SER B 55 -0.88 -25.64 4.22
C SER B 55 -0.88 -25.23 5.68
N ASP B 56 -1.41 -26.10 6.52
CA ASP B 56 -1.43 -25.82 7.95
C ASP B 56 -0.04 -25.90 8.57
N GLU B 57 0.86 -26.66 7.95
CA GLU B 57 2.24 -26.73 8.44
C GLU B 57 2.97 -25.42 8.22
N ASN B 58 2.67 -24.72 7.13
CA ASN B 58 3.36 -23.47 6.82
C ASN B 58 2.80 -22.26 7.55
N VAL B 59 1.63 -22.38 8.17
CA VAL B 59 1.11 -21.29 9.00
C VAL B 59 1.93 -21.16 10.28
N GLN B 60 2.26 -22.29 10.90
CA GLN B 60 2.97 -22.27 12.18
C GLN B 60 4.38 -21.72 12.05
N LYS B 61 5.06 -22.03 10.93
CA LYS B 61 6.39 -21.49 10.71
C LYS B 61 6.38 -19.97 10.57
N MET B 62 5.41 -19.44 9.82
CA MET B 62 5.28 -17.99 9.68
C MET B 62 4.92 -17.35 11.01
N ASP B 63 4.03 -17.98 11.77
CA ASP B 63 3.64 -17.45 13.07
C ASP B 63 4.83 -17.41 14.02
N GLU B 64 5.65 -18.47 14.04
CA GLU B 64 6.83 -18.50 14.90
C GLU B 64 7.84 -17.44 14.50
N ALA B 65 8.12 -17.33 13.19
CA ALA B 65 9.11 -16.35 12.72
C ALA B 65 8.64 -14.92 12.97
N GLY B 66 7.36 -14.64 12.70
CA GLY B 66 6.82 -13.33 13.00
C GLY B 66 6.78 -13.01 14.49
N ALA B 67 6.55 -14.03 15.32
CA ALA B 67 6.59 -13.82 16.76
C ALA B 67 7.98 -13.45 17.24
N LYS B 68 9.01 -14.15 16.74
CA LYS B 68 10.39 -13.79 17.08
C LYS B 68 10.74 -12.38 16.60
N TRP B 69 10.35 -12.04 15.37
CA TRP B 69 10.67 -10.72 14.84
C TRP B 69 9.95 -9.62 15.60
N SER B 70 8.67 -9.83 15.96
CA SER B 70 7.93 -8.81 16.69
C SER B 70 8.44 -8.63 18.11
N ALA B 71 8.78 -9.73 18.79
CA ALA B 71 9.35 -9.63 20.12
C ALA B 71 10.70 -8.91 20.10
N PHE B 72 11.54 -9.24 19.12
CA PHE B 72 12.81 -8.55 18.95
C PHE B 72 12.62 -7.07 18.67
N TYR B 73 11.63 -6.73 17.83
CA TYR B 73 11.40 -5.34 17.47
C TYR B 73 10.91 -4.52 18.66
N GLU B 74 9.98 -5.06 19.46
CA GLU B 74 9.49 -4.30 20.61
C GLU B 74 10.56 -4.17 21.68
N GLU B 75 11.36 -5.23 21.88
CA GLU B 75 12.47 -5.13 22.82
C GLU B 75 13.48 -4.08 22.39
N GLN B 76 13.92 -4.14 21.12
CA GLN B 76 14.93 -3.21 20.65
C GLN B 76 14.40 -1.78 20.58
N SER B 77 13.10 -1.59 20.40
CA SER B 77 12.52 -0.26 20.56
C SER B 77 12.60 0.20 22.00
N LYS B 78 12.44 -0.74 22.96
CA LYS B 78 12.57 -0.37 24.36
C LYS B 78 14.00 0.08 24.71
N ILE B 79 15.03 -0.59 24.19
CA ILE B 79 16.38 -0.03 24.39
C ILE B 79 16.57 1.25 23.57
N ALA B 80 15.97 1.33 22.37
CA ALA B 80 16.15 2.49 21.51
C ALA B 80 15.57 3.77 22.11
N LYS B 81 14.58 3.65 23.00
CA LYS B 81 14.07 4.82 23.70
C LYS B 81 15.08 5.44 24.67
N ASN B 82 16.16 4.73 24.99
CA ASN B 82 17.14 5.23 25.96
C ASN B 82 18.16 6.18 25.36
N TYR B 83 18.14 6.40 24.04
CA TYR B 83 19.09 7.32 23.41
C TYR B 83 18.38 8.62 23.09
N PRO B 84 18.77 9.74 23.71
CA PRO B 84 18.06 11.00 23.46
C PRO B 84 18.37 11.54 22.07
N LEU B 85 17.30 11.93 21.36
CA LEU B 85 17.43 12.36 19.97
C LEU B 85 18.04 13.74 19.83
N GLU B 86 18.02 14.56 20.89
CA GLU B 86 18.54 15.91 20.81
C GLU B 86 20.07 15.97 20.84
N GLU B 87 20.74 14.86 21.16
CA GLU B 87 22.19 14.83 21.26
C GLU B 87 22.84 14.06 20.11
N ILE B 88 22.15 13.91 18.99
CA ILE B 88 22.65 13.21 17.82
C ILE B 88 22.79 14.20 16.68
N GLN B 89 23.98 14.29 16.10
CA GLN B 89 24.25 15.21 15.02
C GLN B 89 24.18 14.57 13.64
N THR B 90 24.49 13.28 13.53
CA THR B 90 24.40 12.60 12.24
C THR B 90 22.94 12.36 11.88
N ASP B 91 22.59 12.66 10.63
CA ASP B 91 21.19 12.58 10.21
C ASP B 91 20.71 11.14 10.12
N ILE B 92 21.57 10.24 9.63
CA ILE B 92 21.18 8.84 9.41
C ILE B 92 20.85 8.15 10.73
N VAL B 93 21.71 8.34 11.74
CA VAL B 93 21.48 7.78 13.06
C VAL B 93 20.21 8.36 13.67
N LYS B 94 19.98 9.67 13.45
CA LYS B 94 18.79 10.34 13.95
C LYS B 94 17.52 9.72 13.35
N ARG B 95 17.52 9.50 12.04
CA ARG B 95 16.33 8.94 11.38
C ARG B 95 16.09 7.50 11.80
N GLN B 96 17.16 6.70 11.90
CA GLN B 96 17.01 5.32 12.33
C GLN B 96 16.47 5.24 13.76
N LEU B 97 16.99 6.07 14.66
CA LEU B 97 16.51 6.05 16.03
C LEU B 97 15.09 6.61 16.15
N GLN B 98 14.73 7.57 15.29
CA GLN B 98 13.36 8.06 15.27
C GLN B 98 12.38 6.98 14.84
N ILE B 99 12.75 6.21 13.80
CA ILE B 99 11.91 5.10 13.36
C ILE B 99 11.79 4.05 14.47
N LEU B 100 12.90 3.76 15.15
CA LEU B 100 12.88 2.76 16.21
C LEU B 100 12.05 3.21 17.40
N GLN B 101 12.12 4.49 17.77
CA GLN B 101 11.40 4.98 18.93
C GLN B 101 9.92 5.26 18.67
N GLN B 102 9.55 5.56 17.42
CA GLN B 102 8.17 5.91 17.11
C GLN B 102 7.23 4.72 17.31
N SER B 103 7.66 3.53 16.89
CA SER B 103 6.83 2.33 16.95
C SER B 103 7.49 1.30 17.86
N GLY B 104 6.69 0.68 18.72
CA GLY B 104 7.20 -0.33 19.63
C GLY B 104 6.13 -0.91 20.52
N SER B 105 6.48 -1.27 21.74
CA SER B 105 5.50 -1.81 22.67
C SER B 105 4.65 -0.68 23.24
N PRO B 106 3.33 -0.74 23.11
CA PRO B 106 2.48 0.34 23.63
C PRO B 106 2.42 0.33 25.16
N VAL B 107 1.96 1.45 25.71
CA VAL B 107 1.76 1.57 27.16
C VAL B 107 0.48 0.89 27.62
N LEU B 108 -0.29 0.30 26.70
CA LEU B 108 -1.54 -0.35 27.04
C LEU B 108 -1.31 -1.52 27.99
N SER B 109 -2.25 -1.69 28.92
CA SER B 109 -2.21 -2.83 29.82
C SER B 109 -2.51 -4.12 29.07
N GLU B 110 -2.24 -5.25 29.72
CA GLU B 110 -2.35 -6.54 29.03
C GLU B 110 -3.80 -6.89 28.71
N ASP B 111 -4.74 -6.52 29.58
CA ASP B 111 -6.15 -6.78 29.29
C ASP B 111 -6.66 -5.88 28.18
N LYS B 112 -6.21 -4.62 28.17
CA LYS B 112 -6.63 -3.71 27.11
C LYS B 112 -6.01 -4.09 25.76
N SER B 113 -4.76 -4.53 25.77
CA SER B 113 -4.13 -5.00 24.52
C SER B 113 -4.79 -6.28 24.01
N LYS B 114 -5.14 -7.19 24.93
CA LYS B 114 -5.88 -8.38 24.54
C LYS B 114 -7.25 -8.03 23.97
N ARG B 115 -7.93 -7.06 24.58
CA ARG B 115 -9.22 -6.61 24.08
C ARG B 115 -9.10 -5.97 22.70
N LEU B 116 -8.04 -5.19 22.47
CA LEU B 116 -7.83 -4.58 21.16
C LEU B 116 -7.55 -5.64 20.09
N ASN B 117 -6.73 -6.64 20.42
CA ASN B 117 -6.46 -7.72 19.47
C ASN B 117 -7.72 -8.51 19.17
N SER B 118 -8.54 -8.80 20.19
CA SER B 118 -9.78 -9.53 19.99
C SER B 118 -10.76 -8.71 19.15
N ILE B 119 -10.83 -7.40 19.36
CA ILE B 119 -11.71 -6.54 18.57
C ILE B 119 -11.28 -6.51 17.12
N LEU B 120 -9.97 -6.40 16.86
CA LEU B 120 -9.48 -6.39 15.48
C LEU B 120 -9.74 -7.72 14.78
N ASN B 121 -9.50 -8.84 15.48
CA ASN B 121 -9.79 -10.14 14.91
C ASN B 121 -11.26 -10.33 14.63
N ALA B 122 -12.12 -9.86 15.54
CA ALA B 122 -13.56 -9.96 15.34
C ALA B 122 -14.02 -9.14 14.14
N MET B 123 -13.45 -7.94 13.98
CA MET B 123 -13.82 -7.10 12.84
C MET B 123 -13.40 -7.73 11.52
N SER B 124 -12.17 -8.28 11.47
CA SER B 124 -11.71 -8.93 10.25
C SER B 124 -12.55 -10.17 9.94
N THR B 125 -12.90 -10.95 10.97
CA THR B 125 -13.70 -12.15 10.75
C THR B 125 -15.12 -11.81 10.30
N ILE B 126 -15.71 -10.76 10.87
CA ILE B 126 -17.04 -10.32 10.45
C ILE B 126 -17.02 -9.84 9.01
N TYR B 127 -15.98 -9.08 8.64
CA TYR B 127 -15.88 -8.62 7.25
C TYR B 127 -15.68 -9.77 6.29
N SER B 128 -14.90 -10.78 6.66
CA SER B 128 -14.60 -11.86 5.74
C SER B 128 -15.68 -12.94 5.69
N THR B 129 -16.53 -13.04 6.71
CA THR B 129 -17.51 -14.12 6.79
C THR B 129 -18.95 -13.63 6.82
N GLY B 130 -19.20 -12.34 6.58
CA GLY B 130 -20.56 -11.84 6.61
C GLY B 130 -21.32 -12.24 5.35
N LYS B 131 -22.59 -12.58 5.53
CA LYS B 131 -23.45 -13.03 4.45
C LYS B 131 -24.70 -12.18 4.38
N VAL B 132 -25.20 -11.98 3.16
CA VAL B 132 -26.45 -11.29 2.90
C VAL B 132 -27.36 -12.23 2.13
N CYS B 133 -28.57 -12.44 2.64
CA CYS B 133 -29.50 -13.41 2.08
C CYS B 133 -30.60 -12.72 1.30
N LYS B 134 -31.07 -13.40 0.25
CA LYS B 134 -32.10 -12.85 -0.62
C LYS B 134 -33.42 -12.73 0.13
N PRO B 135 -34.25 -11.74 -0.22
CA PRO B 135 -35.56 -11.59 0.44
C PRO B 135 -36.51 -12.73 0.14
N ASN B 136 -36.47 -13.29 -1.07
CA ASN B 136 -37.37 -14.37 -1.45
C ASN B 136 -36.82 -15.74 -1.10
N ASN B 137 -35.49 -15.92 -1.16
CA ASN B 137 -34.87 -17.18 -0.82
C ASN B 137 -33.98 -17.00 0.40
N PRO B 138 -34.42 -17.43 1.59
CA PRO B 138 -33.57 -17.32 2.78
C PRO B 138 -32.32 -18.18 2.72
N GLN B 139 -32.27 -19.20 1.86
CA GLN B 139 -31.13 -20.09 1.76
C GLN B 139 -30.09 -19.62 0.75
N GLU B 140 -30.37 -18.58 -0.02
CA GLU B 140 -29.42 -18.01 -0.97
C GLU B 140 -28.75 -16.83 -0.30
N CYS B 141 -27.68 -17.11 0.45
CA CYS B 141 -26.93 -16.09 1.17
C CYS B 141 -25.58 -15.89 0.50
N LEU B 142 -25.21 -14.64 0.29
CA LEU B 142 -24.10 -14.27 -0.57
C LEU B 142 -23.00 -13.60 0.25
N LEU B 143 -21.76 -14.05 0.07
CA LEU B 143 -20.61 -13.36 0.61
C LEU B 143 -20.29 -12.14 -0.24
N LEU B 144 -19.44 -11.27 0.31
CA LEU B 144 -19.16 -10.00 -0.36
C LEU B 144 -18.27 -10.20 -1.59
N GLU B 145 -17.19 -10.98 -1.45
CA GLU B 145 -16.16 -10.96 -2.48
C GLU B 145 -16.57 -11.67 -3.77
N PRO B 146 -17.09 -12.93 -3.77
CA PRO B 146 -17.56 -13.47 -5.04
C PRO B 146 -19.00 -13.09 -5.39
N GLY B 147 -19.84 -12.90 -4.37
CA GLY B 147 -21.27 -12.77 -4.61
C GLY B 147 -21.81 -11.36 -4.73
N LEU B 148 -21.58 -10.53 -3.71
CA LEU B 148 -22.11 -9.18 -3.72
C LEU B 148 -21.29 -8.25 -4.60
N ASP B 149 -19.99 -8.52 -4.75
CA ASP B 149 -19.16 -7.71 -5.62
C ASP B 149 -19.55 -7.86 -7.09
N ASN B 150 -19.97 -9.07 -7.48
CA ASN B 150 -20.44 -9.30 -8.84
C ASN B 150 -21.69 -8.48 -9.13
N ILE B 151 -22.64 -8.45 -8.18
CA ILE B 151 -23.84 -7.64 -8.35
C ILE B 151 -23.49 -6.16 -8.37
N MET B 152 -22.62 -5.71 -7.46
CA MET B 152 -22.29 -4.30 -7.38
C MET B 152 -21.46 -3.82 -8.56
N GLY B 153 -20.77 -4.72 -9.26
CA GLY B 153 -19.96 -4.31 -10.38
C GLY B 153 -20.58 -4.52 -11.75
N THR B 154 -21.53 -5.46 -11.86
CA THR B 154 -22.06 -5.83 -13.17
C THR B 154 -23.54 -5.52 -13.36
N SER B 155 -24.34 -5.50 -12.30
CA SER B 155 -25.79 -5.39 -12.45
C SER B 155 -26.21 -3.97 -12.83
N LYS B 156 -27.23 -3.89 -13.69
CA LYS B 156 -27.86 -2.64 -14.07
C LYS B 156 -29.27 -2.52 -13.51
N ASP B 157 -29.60 -3.30 -12.49
CA ASP B 157 -30.91 -3.28 -11.88
C ASP B 157 -30.85 -2.44 -10.60
N TYR B 158 -31.75 -1.45 -10.50
CA TYR B 158 -31.78 -0.58 -9.34
C TYR B 158 -32.11 -1.35 -8.07
N HIS B 159 -33.08 -2.25 -8.14
CA HIS B 159 -33.58 -2.92 -6.95
C HIS B 159 -32.65 -4.02 -6.46
N GLU B 160 -32.01 -4.75 -7.38
CA GLU B 160 -31.01 -5.73 -6.99
C GLU B 160 -29.79 -5.06 -6.36
N ARG B 161 -29.34 -3.95 -6.95
CA ARG B 161 -28.21 -3.21 -6.39
C ARG B 161 -28.57 -2.60 -5.05
N LEU B 162 -29.82 -2.14 -4.89
CA LEU B 162 -30.27 -1.63 -3.61
C LEU B 162 -30.34 -2.72 -2.56
N TRP B 163 -30.76 -3.93 -2.95
CA TRP B 163 -30.75 -5.05 -2.01
C TRP B 163 -29.33 -5.39 -1.57
N ALA B 164 -28.39 -5.41 -2.51
CA ALA B 164 -27.00 -5.73 -2.17
C ALA B 164 -26.38 -4.64 -1.31
N TRP B 165 -26.72 -3.37 -1.58
CA TRP B 165 -26.15 -2.26 -0.82
C TRP B 165 -26.75 -2.15 0.57
N GLU B 166 -28.03 -2.49 0.72
CA GLU B 166 -28.70 -2.37 2.01
C GLU B 166 -28.55 -3.60 2.89
N GLY B 167 -28.43 -4.78 2.28
CA GLY B 167 -28.13 -5.97 3.08
C GLY B 167 -26.75 -5.91 3.70
N TRP B 168 -25.77 -5.50 2.90
CA TRP B 168 -24.51 -5.04 3.47
C TRP B 168 -24.77 -3.76 4.25
N ARG B 169 -23.94 -3.51 5.27
CA ARG B 169 -24.00 -2.42 6.24
C ARG B 169 -25.16 -2.57 7.23
N ALA B 170 -26.05 -3.54 7.02
CA ALA B 170 -27.09 -3.86 7.98
C ALA B 170 -26.90 -5.21 8.64
N GLU B 171 -26.47 -6.21 7.88
CA GLU B 171 -26.08 -7.49 8.45
C GLU B 171 -24.60 -7.57 8.79
N VAL B 172 -23.82 -6.55 8.43
CA VAL B 172 -22.39 -6.55 8.68
C VAL B 172 -21.98 -5.28 9.42
N GLY B 173 -22.38 -4.12 8.91
CA GLY B 173 -22.00 -2.86 9.54
C GLY B 173 -22.60 -2.69 10.93
N LYS B 174 -23.83 -3.17 11.12
CA LYS B 174 -24.45 -3.13 12.44
C LYS B 174 -23.72 -4.05 13.42
N GLN B 175 -23.06 -5.10 12.91
CA GLN B 175 -22.21 -5.92 13.76
C GLN B 175 -20.91 -5.22 14.10
N LEU B 176 -20.40 -4.39 13.19
CA LEU B 176 -19.13 -3.72 13.37
C LEU B 176 -19.23 -2.40 14.12
N ARG B 177 -20.44 -1.89 14.36
CA ARG B 177 -20.59 -0.62 15.06
C ARG B 177 -20.04 -0.63 16.49
N PRO B 178 -20.41 -1.55 17.40
CA PRO B 178 -19.83 -1.48 18.75
C PRO B 178 -18.36 -1.88 18.81
N LEU B 179 -17.94 -2.77 17.91
CA LEU B 179 -16.53 -3.11 17.81
C LEU B 179 -15.71 -1.90 17.40
N TYR B 180 -16.21 -1.12 16.43
CA TYR B 180 -15.52 0.10 16.04
C TYR B 180 -15.56 1.16 17.14
N GLU B 181 -16.66 1.22 17.89
CA GLU B 181 -16.74 2.18 18.99
C GLU B 181 -15.71 1.88 20.07
N GLU B 182 -15.50 0.61 20.40
CA GLU B 182 -14.45 0.26 21.36
C GLU B 182 -13.06 0.40 20.74
N TYR B 183 -12.94 0.12 19.43
CA TYR B 183 -11.67 0.21 18.74
C TYR B 183 -11.14 1.63 18.70
N VAL B 184 -12.03 2.61 18.53
CA VAL B 184 -11.62 4.01 18.50
C VAL B 184 -11.02 4.43 19.84
N VAL B 185 -11.67 4.05 20.93
CA VAL B 185 -11.18 4.40 22.27
C VAL B 185 -9.83 3.73 22.55
N LEU B 186 -9.73 2.44 22.22
CA LEU B 186 -8.50 1.71 22.49
C LEU B 186 -7.33 2.22 21.65
N LYS B 187 -7.57 2.52 20.37
CA LYS B 187 -6.52 3.04 19.52
C LYS B 187 -6.12 4.46 19.92
N ASN B 188 -7.08 5.27 20.38
CA ASN B 188 -6.74 6.61 20.85
C ASN B 188 -5.89 6.55 22.11
N GLU B 189 -6.21 5.62 23.02
CA GLU B 189 -5.38 5.44 24.21
C GLU B 189 -3.98 4.96 23.85
N MET B 190 -3.88 4.02 22.91
CA MET B 190 -2.58 3.52 22.47
C MET B 190 -1.76 4.62 21.82
N ALA B 191 -2.39 5.47 21.00
CA ALA B 191 -1.67 6.55 20.35
C ALA B 191 -1.31 7.67 21.32
N ARG B 192 -2.13 7.89 22.35
CA ARG B 192 -1.75 8.83 23.40
C ARG B 192 -0.58 8.30 24.22
N GLY B 193 -0.43 6.97 24.29
CA GLY B 193 0.75 6.42 24.92
C GLY B 193 2.04 6.65 24.15
N TYR B 194 1.94 6.87 22.83
CA TYR B 194 3.09 7.21 22.01
C TYR B 194 3.32 8.71 21.90
N HIS B 195 2.72 9.49 22.81
CA HIS B 195 2.81 10.96 22.85
C HIS B 195 2.28 11.59 21.57
N TYR B 196 1.11 11.14 21.14
CA TYR B 196 0.37 11.75 20.05
C TYR B 196 -0.99 12.20 20.57
N GLU B 197 -1.66 13.05 19.78
CA GLU B 197 -2.97 13.55 20.19
C GLU B 197 -4.04 12.46 20.10
N ASP B 198 -4.06 11.72 19.00
CA ASP B 198 -5.03 10.67 18.77
C ASP B 198 -4.45 9.69 17.76
N TYR B 199 -5.27 8.72 17.35
CA TYR B 199 -4.83 7.72 16.37
C TYR B 199 -4.63 8.34 14.99
N GLY B 200 -5.38 9.40 14.67
CA GLY B 200 -5.18 10.08 13.40
C GLY B 200 -3.83 10.75 13.31
N ASP B 201 -3.36 11.34 14.41
CA ASP B 201 -2.02 11.92 14.43
C ASP B 201 -0.96 10.85 14.28
N TYR B 202 -1.15 9.71 14.93
CA TYR B 202 -0.25 8.56 14.79
C TYR B 202 -0.24 8.03 13.37
N TRP B 203 -1.36 8.14 12.66
CA TRP B 203 -1.38 7.74 11.25
C TRP B 203 -0.71 8.80 10.37
N ARG B 204 -0.80 10.07 10.75
CA ARG B 204 -0.20 11.17 10.00
C ARG B 204 1.28 11.35 10.31
N ARG B 205 1.85 10.57 11.24
CA ARG B 205 3.27 10.66 11.55
C ARG B 205 4.17 10.24 10.39
N ASP B 206 3.63 9.59 9.37
CA ASP B 206 4.43 9.10 8.26
C ASP B 206 4.99 10.25 7.44
N TYR B 207 4.21 11.33 7.27
CA TYR B 207 4.60 12.45 6.43
C TYR B 207 5.38 13.53 7.18
N GLU B 208 5.66 13.33 8.46
CA GLU B 208 6.38 14.32 9.25
C GLU B 208 7.87 14.19 9.03
N THR B 209 8.52 15.30 8.67
CA THR B 209 9.96 15.33 8.45
C THR B 209 10.56 16.55 9.14
N GLU B 210 11.87 16.47 9.38
CA GLU B 210 12.65 17.55 9.97
C GLU B 210 13.76 17.92 8.99
N GLU B 211 13.46 18.84 8.08
CA GLU B 211 14.45 19.28 7.11
C GLU B 211 15.51 20.15 7.78
N SER B 212 16.70 20.14 7.18
CA SER B 212 17.81 20.91 7.74
C SER B 212 17.61 22.42 7.54
N SER B 213 17.11 22.82 6.37
CA SER B 213 16.93 24.23 6.04
C SER B 213 15.47 24.61 6.28
N GLY B 214 15.24 25.44 7.30
CA GLY B 214 13.93 25.94 7.59
C GLY B 214 13.06 24.93 8.32
N PRO B 215 11.81 25.30 8.60
CA PRO B 215 10.88 24.36 9.23
C PRO B 215 10.51 23.24 8.27
N GLY B 216 10.18 22.09 8.85
CA GLY B 216 9.85 20.90 8.09
C GLY B 216 8.36 20.69 7.94
N TYR B 217 8.02 19.51 7.41
CA TYR B 217 6.62 19.14 7.21
C TYR B 217 6.03 18.65 8.53
N SER B 218 4.84 19.14 8.85
CA SER B 218 4.14 18.78 10.07
C SER B 218 2.98 17.84 9.75
N ARG B 219 2.31 17.39 10.82
CA ARG B 219 1.19 16.49 10.65
C ARG B 219 -0.11 17.23 10.38
N ASP B 220 -0.21 18.49 10.80
CA ASP B 220 -1.34 19.33 10.41
C ASP B 220 -1.19 19.86 9.00
N GLN B 221 0.05 20.00 8.53
CA GLN B 221 0.30 20.43 7.16
C GLN B 221 -0.22 19.42 6.15
N LEU B 222 -0.25 18.14 6.51
CA LEU B 222 -0.85 17.14 5.64
C LEU B 222 -2.35 17.38 5.46
N MET B 223 -3.05 17.68 6.55
CA MET B 223 -4.48 17.98 6.46
C MET B 223 -4.74 19.23 5.64
N LYS B 224 -3.93 20.28 5.87
CA LYS B 224 -4.08 21.51 5.09
C LYS B 224 -3.81 21.27 3.61
N ASP B 225 -2.78 20.48 3.30
CA ASP B 225 -2.43 20.19 1.92
C ASP B 225 -3.49 19.38 1.22
N VAL B 226 -4.05 18.36 1.88
CA VAL B 226 -5.07 17.56 1.20
C VAL B 226 -6.36 18.36 1.04
N ASP B 227 -6.67 19.27 1.97
CA ASP B 227 -7.81 20.17 1.76
C ASP B 227 -7.60 21.07 0.56
N ARG B 228 -6.39 21.63 0.41
CA ARG B 228 -6.10 22.48 -0.74
C ARG B 228 -6.15 21.71 -2.05
N ILE B 229 -5.64 20.48 -2.05
CA ILE B 229 -5.65 19.66 -3.26
C ILE B 229 -7.08 19.31 -3.65
N PHE B 230 -7.93 18.97 -2.67
CA PHE B 230 -9.33 18.68 -2.99
C PHE B 230 -10.06 19.90 -3.53
N THR B 231 -9.75 21.08 -2.97
CA THR B 231 -10.32 22.32 -3.51
C THR B 231 -9.89 22.53 -4.96
N GLU B 232 -8.64 22.21 -5.28
CA GLU B 232 -8.16 22.37 -6.65
C GLU B 232 -8.77 21.35 -7.61
N ILE B 233 -9.04 20.13 -7.14
CA ILE B 233 -9.65 19.11 -8.01
C ILE B 233 -11.17 19.15 -8.06
N LYS B 234 -11.81 19.98 -7.24
CA LYS B 234 -13.27 20.08 -7.24
C LYS B 234 -13.94 20.39 -8.59
N PRO B 235 -13.45 21.31 -9.44
CA PRO B 235 -14.20 21.56 -10.69
C PRO B 235 -14.19 20.39 -11.67
N LEU B 236 -13.05 19.73 -11.84
CA LEU B 236 -12.98 18.57 -12.74
C LEU B 236 -13.86 17.43 -12.24
N TYR B 237 -13.85 17.19 -10.93
CA TYR B 237 -14.73 16.17 -10.36
C TYR B 237 -16.19 16.57 -10.51
N GLU B 238 -16.51 17.86 -10.41
CA GLU B 238 -17.87 18.31 -10.60
C GLU B 238 -18.35 18.05 -12.04
N HIS B 239 -17.49 18.32 -13.01
CA HIS B 239 -17.88 18.09 -14.40
C HIS B 239 -17.98 16.60 -14.72
N LEU B 240 -17.07 15.79 -14.16
CA LEU B 240 -17.16 14.34 -14.32
C LEU B 240 -18.43 13.79 -13.66
N HIS B 241 -18.78 14.33 -12.49
CA HIS B 241 -20.00 13.94 -11.79
C HIS B 241 -21.24 14.30 -12.60
N ALA B 242 -21.24 15.49 -13.20
CA ALA B 242 -22.38 15.90 -14.03
C ALA B 242 -22.51 15.02 -15.26
N TYR B 243 -21.39 14.67 -15.90
CA TYR B 243 -21.43 13.78 -17.06
C TYR B 243 -21.92 12.38 -16.68
N VAL B 244 -21.43 11.85 -15.56
CA VAL B 244 -21.84 10.53 -15.11
C VAL B 244 -23.32 10.52 -14.73
N ARG B 245 -23.80 11.61 -14.14
CA ARG B 245 -25.22 11.73 -13.81
C ARG B 245 -26.09 11.80 -15.07
N ALA B 246 -25.64 12.55 -16.07
CA ALA B 246 -26.38 12.62 -17.33
C ALA B 246 -26.41 11.29 -18.07
N LYS B 247 -25.32 10.52 -18.01
CA LYS B 247 -25.30 9.20 -18.62
C LYS B 247 -26.03 8.15 -17.80
N LEU B 248 -26.11 8.32 -16.48
CA LEU B 248 -26.84 7.44 -15.59
C LEU B 248 -28.28 7.88 -15.39
N MET B 249 -28.73 8.90 -16.13
CA MET B 249 -30.15 9.16 -16.27
C MET B 249 -30.82 8.32 -17.35
N ASP B 250 -30.09 7.97 -18.41
CA ASP B 250 -30.60 7.12 -19.48
C ASP B 250 -30.92 5.72 -18.95
N THR B 251 -29.89 4.99 -18.51
CA THR B 251 -30.12 3.87 -17.62
C THR B 251 -30.64 4.40 -16.29
N TYR B 252 -31.47 3.60 -15.61
CA TYR B 252 -32.24 4.02 -14.45
C TYR B 252 -33.00 5.33 -14.66
N PRO B 253 -34.00 5.39 -15.53
CA PRO B 253 -34.85 6.59 -15.55
C PRO B 253 -35.75 6.60 -14.33
N LEU B 254 -36.25 7.81 -14.01
CA LEU B 254 -37.08 8.10 -12.83
C LEU B 254 -36.46 7.56 -11.53
N HIS B 255 -35.14 7.60 -11.45
CA HIS B 255 -34.42 7.29 -10.22
C HIS B 255 -33.31 8.27 -9.90
N ILE B 256 -32.87 9.09 -10.86
CA ILE B 256 -31.79 10.05 -10.67
C ILE B 256 -32.37 11.44 -10.87
N SER B 257 -32.12 12.31 -9.92
CA SER B 257 -32.48 13.71 -10.12
C SER B 257 -31.46 14.38 -11.05
N PRO B 258 -31.92 15.25 -11.95
CA PRO B 258 -30.98 15.99 -12.80
C PRO B 258 -30.11 16.97 -12.03
N THR B 259 -30.52 17.36 -10.82
CA THR B 259 -29.81 18.34 -10.02
C THR B 259 -29.15 17.74 -8.78
N GLY B 260 -29.69 16.64 -8.26
CA GLY B 260 -29.25 16.10 -6.99
C GLY B 260 -28.04 15.19 -7.10
N CYS B 261 -27.72 14.57 -5.97
CA CYS B 261 -26.57 13.70 -5.85
C CYS B 261 -26.84 12.34 -6.51
N LEU B 262 -25.79 11.58 -6.68
CA LEU B 262 -25.87 10.22 -7.23
C LEU B 262 -26.14 9.23 -6.10
N PRO B 263 -27.10 8.32 -6.27
CA PRO B 263 -27.32 7.27 -5.26
C PRO B 263 -26.10 6.39 -5.08
N ALA B 264 -25.87 5.98 -3.83
CA ALA B 264 -24.64 5.29 -3.46
C ALA B 264 -24.52 3.89 -4.05
N HIS B 265 -25.63 3.30 -4.47
CA HIS B 265 -25.64 1.91 -4.94
C HIS B 265 -25.57 1.79 -6.45
N LEU B 266 -25.28 2.88 -7.16
CA LEU B 266 -25.21 2.88 -8.61
C LEU B 266 -23.89 3.45 -9.10
N LEU B 267 -22.80 3.15 -8.38
CA LEU B 267 -21.51 3.76 -8.66
C LEU B 267 -20.45 2.77 -9.12
N GLY B 268 -20.81 1.50 -9.33
CA GLY B 268 -19.90 0.53 -9.87
C GLY B 268 -19.29 -0.43 -8.86
N ASP B 269 -19.39 -0.15 -7.58
CA ASP B 269 -18.94 -1.08 -6.54
C ASP B 269 -19.82 -0.88 -5.32
N MET B 270 -19.42 -1.51 -4.21
CA MET B 270 -20.24 -1.46 -3.00
C MET B 270 -20.19 -0.09 -2.34
N TRP B 271 -19.03 0.56 -2.37
CA TRP B 271 -18.83 1.79 -1.62
C TRP B 271 -18.67 3.02 -2.50
N GLY B 272 -18.71 2.87 -3.81
CA GLY B 272 -18.44 3.99 -4.68
C GLY B 272 -17.00 4.43 -4.70
N ARG B 273 -16.07 3.52 -4.37
CA ARG B 273 -14.66 3.87 -4.33
C ARG B 273 -14.11 4.14 -5.73
N PHE B 274 -14.42 3.27 -6.68
CA PHE B 274 -14.02 3.43 -8.06
C PHE B 274 -15.26 3.46 -8.95
N TRP B 275 -15.22 4.29 -9.98
CA TRP B 275 -16.32 4.40 -10.94
C TRP B 275 -16.00 3.66 -12.24
N THR B 276 -15.06 2.72 -12.20
CA THR B 276 -14.59 2.07 -13.42
C THR B 276 -15.64 1.15 -14.02
N ASN B 277 -16.52 0.58 -13.20
CA ASN B 277 -17.57 -0.30 -13.71
C ASN B 277 -18.72 0.47 -14.34
N LEU B 278 -18.72 1.81 -14.23
CA LEU B 278 -19.69 2.63 -14.93
C LEU B 278 -19.27 2.94 -16.35
N TYR B 279 -18.10 2.45 -16.78
CA TYR B 279 -17.63 2.73 -18.14
C TYR B 279 -18.55 2.20 -19.26
N PRO B 280 -19.14 0.99 -19.20
CA PRO B 280 -20.12 0.64 -20.23
C PRO B 280 -21.33 1.55 -20.31
N LEU B 281 -21.71 2.18 -19.19
CA LEU B 281 -22.85 3.09 -19.20
C LEU B 281 -22.48 4.52 -19.58
N THR B 282 -21.23 4.94 -19.32
CA THR B 282 -20.82 6.32 -19.51
C THR B 282 -19.80 6.49 -20.63
N VAL B 283 -19.66 5.50 -21.50
CA VAL B 283 -18.63 5.58 -22.54
C VAL B 283 -19.03 6.60 -23.59
N PRO B 284 -18.15 7.53 -23.95
CA PRO B 284 -18.35 8.29 -25.18
C PRO B 284 -17.78 7.52 -26.35
N PHE B 285 -18.42 7.68 -27.50
CA PHE B 285 -18.02 7.05 -28.76
C PHE B 285 -17.90 5.54 -28.60
N GLY B 286 -19.03 4.91 -28.29
CA GLY B 286 -19.06 3.47 -28.08
C GLY B 286 -18.78 2.66 -29.32
N GLN B 287 -18.95 3.25 -30.50
CA GLN B 287 -18.62 2.56 -31.74
C GLN B 287 -17.12 2.44 -31.95
N LYS B 288 -16.32 3.26 -31.26
CA LYS B 288 -14.87 3.14 -31.35
C LYS B 288 -14.38 2.06 -30.40
N PRO B 289 -13.70 1.02 -30.89
CA PRO B 289 -13.18 0.00 -29.98
C PRO B 289 -12.00 0.54 -29.17
N ASN B 290 -11.91 0.05 -27.94
CA ASN B 290 -10.80 0.43 -27.08
C ASN B 290 -9.57 -0.42 -27.39
N ILE B 291 -8.47 -0.07 -26.74
CA ILE B 291 -7.23 -0.82 -26.90
C ILE B 291 -7.38 -2.16 -26.18
N ASP B 292 -7.16 -3.25 -26.90
CA ASP B 292 -7.17 -4.59 -26.32
C ASP B 292 -6.23 -5.45 -27.15
N VAL B 293 -4.98 -5.58 -26.70
CA VAL B 293 -3.98 -6.35 -27.41
C VAL B 293 -3.87 -7.78 -26.90
N THR B 294 -4.84 -8.22 -26.08
CA THR B 294 -4.83 -9.56 -25.50
C THR B 294 -4.88 -10.64 -26.58
N ASP B 295 -5.61 -10.40 -27.67
CA ASP B 295 -5.65 -11.35 -28.77
C ASP B 295 -4.31 -11.44 -29.47
N GLU B 296 -3.60 -10.31 -29.57
CA GLU B 296 -2.30 -10.33 -30.22
C GLU B 296 -1.22 -11.03 -29.40
N MET B 297 -1.42 -11.20 -28.10
CA MET B 297 -0.53 -12.03 -27.31
C MET B 297 -1.06 -13.44 -27.09
N VAL B 298 -2.34 -13.69 -27.35
CA VAL B 298 -2.77 -15.07 -27.57
C VAL B 298 -2.14 -15.61 -28.83
N LYS B 299 -2.11 -14.81 -29.89
CA LYS B 299 -1.23 -15.05 -31.02
C LYS B 299 0.21 -14.72 -30.65
N GLN B 300 1.13 -15.01 -31.57
CA GLN B 300 2.57 -14.77 -31.44
C GLN B 300 3.22 -15.55 -30.31
N GLY B 301 2.49 -16.42 -29.61
CA GLY B 301 3.05 -17.28 -28.59
C GLY B 301 3.60 -16.58 -27.35
N TRP B 302 2.86 -15.63 -26.80
CA TRP B 302 3.29 -14.95 -25.58
C TRP B 302 2.91 -15.77 -24.35
N ASP B 303 3.86 -15.88 -23.43
CA ASP B 303 3.63 -16.48 -22.12
C ASP B 303 3.93 -15.45 -21.04
N ALA B 304 3.92 -15.90 -19.78
CA ALA B 304 4.25 -15.01 -18.67
C ALA B 304 5.71 -14.60 -18.72
N ASN B 305 6.59 -15.52 -19.14
CA ASN B 305 8.00 -15.22 -19.25
C ASN B 305 8.27 -14.10 -20.25
N ARG B 306 7.56 -14.10 -21.37
CA ARG B 306 7.69 -13.03 -22.35
C ARG B 306 7.24 -11.69 -21.77
N ILE B 307 6.16 -11.71 -20.97
CA ILE B 307 5.63 -10.49 -20.36
C ILE B 307 6.66 -9.89 -19.40
N PHE B 308 7.23 -10.73 -18.54
CA PHE B 308 8.19 -10.21 -17.57
C PHE B 308 9.52 -9.85 -18.22
N LYS B 309 9.92 -10.55 -19.29
CA LYS B 309 11.12 -10.17 -20.02
C LYS B 309 10.93 -8.84 -20.73
N GLU B 310 9.73 -8.57 -21.24
CA GLU B 310 9.46 -7.27 -21.85
C GLU B 310 9.44 -6.16 -20.81
N ALA B 311 8.92 -6.45 -19.61
CA ALA B 311 9.00 -5.46 -18.53
C ALA B 311 10.44 -5.16 -18.15
N GLU B 312 11.27 -6.21 -18.05
CA GLU B 312 12.68 -6.01 -17.76
C GLU B 312 13.39 -5.25 -18.87
N LYS B 313 13.00 -5.49 -20.12
CA LYS B 313 13.55 -4.75 -21.25
C LYS B 313 13.18 -3.28 -21.18
N PHE B 314 11.94 -2.98 -20.81
CA PHE B 314 11.51 -1.60 -20.64
C PHE B 314 12.31 -0.90 -19.55
N PHE B 315 12.54 -1.58 -18.43
CA PHE B 315 13.29 -0.96 -17.35
C PHE B 315 14.76 -0.82 -17.68
N VAL B 316 15.31 -1.73 -18.48
CA VAL B 316 16.69 -1.60 -18.94
C VAL B 316 16.81 -0.43 -19.91
N SER B 317 15.76 -0.19 -20.71
CA SER B 317 15.79 0.87 -21.72
C SER B 317 15.94 2.26 -21.11
N VAL B 318 15.51 2.45 -19.85
CA VAL B 318 15.69 3.74 -19.20
C VAL B 318 16.98 3.82 -18.39
N GLY B 319 17.71 2.72 -18.26
CA GLY B 319 18.97 2.70 -17.53
C GLY B 319 18.91 1.99 -16.20
N LEU B 320 17.74 1.57 -15.75
CA LEU B 320 17.62 0.83 -14.51
C LEU B 320 18.22 -0.58 -14.67
N PRO B 321 18.68 -1.19 -13.58
CA PRO B 321 19.38 -2.47 -13.70
C PRO B 321 18.48 -3.61 -14.16
N ASN B 322 19.13 -4.69 -14.58
CA ASN B 322 18.47 -5.94 -14.92
C ASN B 322 17.85 -6.57 -13.69
N MET B 323 16.92 -7.50 -13.93
CA MET B 323 16.48 -8.37 -12.85
C MET B 323 17.59 -9.34 -12.49
N THR B 324 17.70 -9.65 -11.20
CA THR B 324 18.77 -10.51 -10.73
C THR B 324 18.54 -11.95 -11.17
N GLU B 325 19.61 -12.75 -11.06
CA GLU B 325 19.52 -14.16 -11.44
C GLU B 325 18.63 -14.94 -10.48
N GLY B 326 18.61 -14.56 -9.21
CA GLY B 326 17.71 -15.20 -8.26
C GLY B 326 16.26 -14.82 -8.43
N PHE B 327 15.99 -13.65 -9.04
CA PHE B 327 14.62 -13.27 -9.35
C PHE B 327 13.99 -14.23 -10.35
N TRP B 328 14.74 -14.61 -11.38
CA TRP B 328 14.19 -15.51 -12.39
C TRP B 328 14.06 -16.93 -11.90
N ASN B 329 14.78 -17.30 -10.83
CA ASN B 329 14.71 -18.66 -10.33
C ASN B 329 13.67 -18.81 -9.23
N ASN B 330 13.56 -17.82 -8.33
CA ASN B 330 12.79 -18.00 -7.11
C ASN B 330 11.39 -17.38 -7.17
N SER B 331 11.12 -16.50 -8.12
CA SER B 331 9.81 -15.86 -8.19
C SER B 331 8.78 -16.77 -8.83
N MET B 332 7.55 -16.68 -8.35
CA MET B 332 6.44 -17.48 -8.84
C MET B 332 5.67 -16.63 -9.84
N LEU B 333 6.04 -16.72 -11.12
CA LEU B 333 5.41 -15.93 -12.16
C LEU B 333 4.18 -16.58 -12.75
N THR B 334 3.91 -17.84 -12.42
CA THR B 334 2.74 -18.55 -12.91
C THR B 334 2.12 -19.35 -11.78
N GLU B 335 0.85 -19.70 -11.94
CA GLU B 335 0.20 -20.63 -11.04
C GLU B 335 0.87 -22.00 -11.17
N PRO B 336 1.21 -22.66 -10.07
CA PRO B 336 1.93 -23.94 -10.17
C PRO B 336 1.09 -25.04 -10.76
N GLY B 337 1.71 -25.85 -11.62
CA GLY B 337 1.00 -26.95 -12.26
C GLY B 337 0.69 -28.09 -11.31
N ASP B 338 1.53 -28.27 -10.29
CA ASP B 338 1.29 -29.33 -9.32
C ASP B 338 0.22 -28.89 -8.32
N GLY B 339 -0.09 -29.78 -7.39
CA GLY B 339 -1.13 -29.51 -6.42
C GLY B 339 -0.69 -28.60 -5.28
N ARG B 340 -0.40 -27.35 -5.61
CA ARG B 340 0.03 -26.36 -4.62
C ARG B 340 -0.97 -25.21 -4.63
N LYS B 341 -1.59 -24.95 -3.48
CA LYS B 341 -2.49 -23.83 -3.36
C LYS B 341 -1.70 -22.56 -3.09
N VAL B 342 -2.02 -21.50 -3.83
CA VAL B 342 -1.30 -20.24 -3.76
C VAL B 342 -2.30 -19.10 -3.58
N VAL B 343 -1.78 -17.96 -3.16
CA VAL B 343 -2.57 -16.72 -3.10
C VAL B 343 -2.36 -15.99 -4.41
N CYS B 344 -3.44 -15.80 -5.17
CA CYS B 344 -3.36 -15.20 -6.50
C CYS B 344 -3.58 -13.69 -6.43
N HIS B 345 -2.74 -13.04 -5.64
CA HIS B 345 -2.70 -11.59 -5.55
C HIS B 345 -1.32 -11.12 -5.99
N PRO B 346 -1.22 -10.25 -7.00
CA PRO B 346 0.10 -9.84 -7.49
C PRO B 346 0.85 -8.96 -6.50
N THR B 347 1.90 -9.50 -5.90
CA THR B 347 2.70 -8.80 -4.91
C THR B 347 4.18 -8.90 -5.28
N ALA B 348 4.92 -7.83 -5.01
CA ALA B 348 6.37 -7.81 -5.18
C ALA B 348 7.01 -7.90 -3.81
N TRP B 349 7.92 -8.84 -3.63
CA TRP B 349 8.46 -9.19 -2.33
C TRP B 349 9.90 -8.73 -2.23
N ASP B 350 10.22 -8.03 -1.15
CA ASP B 350 11.58 -7.67 -0.78
C ASP B 350 11.93 -8.51 0.44
N LEU B 351 12.47 -9.71 0.19
CA LEU B 351 12.70 -10.66 1.26
C LEU B 351 13.85 -10.23 2.17
N GLY B 352 14.79 -9.46 1.65
CA GLY B 352 15.99 -9.13 2.36
C GLY B 352 17.19 -9.92 1.85
N LYS B 353 18.38 -9.43 2.20
CA LYS B 353 19.67 -9.98 1.77
C LYS B 353 19.76 -10.06 0.24
N GLY B 354 19.22 -9.05 -0.44
CA GLY B 354 19.29 -8.99 -1.88
C GLY B 354 18.38 -9.97 -2.59
N ASP B 355 17.29 -10.40 -1.96
CA ASP B 355 16.37 -11.37 -2.54
C ASP B 355 15.09 -10.65 -2.92
N PHE B 356 14.86 -10.51 -4.23
CA PHE B 356 13.68 -9.84 -4.76
C PHE B 356 12.89 -10.84 -5.60
N ARG B 357 11.62 -11.02 -5.26
CA ARG B 357 10.75 -11.96 -5.93
C ARG B 357 9.41 -11.31 -6.23
N ILE B 358 8.74 -11.83 -7.25
CA ILE B 358 7.37 -11.43 -7.60
C ILE B 358 6.50 -12.67 -7.55
N LYS B 359 5.43 -12.61 -6.76
CA LYS B 359 4.46 -13.69 -6.67
C LYS B 359 3.16 -13.22 -7.33
N MET B 360 2.86 -13.78 -8.50
CA MET B 360 1.64 -13.43 -9.21
C MET B 360 1.29 -14.55 -10.18
N CYS B 361 -0.01 -14.76 -10.35
CA CYS B 361 -0.53 -15.77 -11.26
C CYS B 361 -0.83 -15.09 -12.59
N THR B 362 0.18 -15.05 -13.47
CA THR B 362 0.09 -14.26 -14.68
C THR B 362 -0.68 -14.99 -15.75
N LYS B 363 -1.78 -14.38 -16.21
CA LYS B 363 -2.43 -14.79 -17.44
C LYS B 363 -1.89 -13.96 -18.59
N VAL B 364 -2.20 -14.37 -19.81
CA VAL B 364 -1.74 -13.65 -21.00
C VAL B 364 -2.83 -12.61 -21.29
N THR B 365 -2.74 -11.48 -20.59
CA THR B 365 -3.71 -10.41 -20.67
C THR B 365 -3.00 -9.07 -20.56
N MET B 366 -3.64 -8.01 -21.06
CA MET B 366 -3.06 -6.68 -20.95
C MET B 366 -2.99 -6.21 -19.51
N GLU B 367 -4.00 -6.54 -18.72
CA GLU B 367 -3.99 -6.19 -17.30
C GLU B 367 -2.82 -6.83 -16.58
N ASP B 368 -2.51 -8.08 -16.94
CA ASP B 368 -1.36 -8.77 -16.35
C ASP B 368 -0.05 -8.16 -16.84
N PHE B 369 -0.01 -7.68 -18.09
CA PHE B 369 1.15 -6.97 -18.62
C PHE B 369 1.44 -5.71 -17.82
N LEU B 370 0.41 -4.88 -17.61
CA LEU B 370 0.60 -3.65 -16.83
C LEU B 370 0.87 -3.94 -15.36
N THR B 371 0.27 -4.99 -14.81
CA THR B 371 0.56 -5.36 -13.42
C THR B 371 1.98 -5.88 -13.26
N ALA B 372 2.51 -6.57 -14.28
CA ALA B 372 3.90 -6.98 -14.27
C ALA B 372 4.82 -5.78 -14.26
N HIS B 373 4.50 -4.76 -15.06
CA HIS B 373 5.31 -3.54 -15.04
C HIS B 373 5.23 -2.83 -13.69
N HIS B 374 4.03 -2.82 -13.08
CA HIS B 374 3.86 -2.24 -11.75
C HIS B 374 4.71 -2.95 -10.69
N GLU B 375 4.64 -4.28 -10.65
CA GLU B 375 5.39 -5.03 -9.66
C GLU B 375 6.89 -4.97 -9.93
N MET B 376 7.30 -4.90 -11.18
CA MET B 376 8.71 -4.72 -11.49
C MET B 376 9.20 -3.33 -11.09
N GLY B 377 8.33 -2.32 -11.14
CA GLY B 377 8.69 -1.03 -10.59
C GLY B 377 8.89 -1.06 -9.09
N HIS B 378 8.03 -1.81 -8.39
CA HIS B 378 8.23 -2.04 -6.96
C HIS B 378 9.57 -2.72 -6.68
N ILE B 379 9.90 -3.73 -7.48
CA ILE B 379 11.16 -4.46 -7.30
C ILE B 379 12.35 -3.56 -7.59
N GLN B 380 12.23 -2.69 -8.60
CA GLN B 380 13.30 -1.75 -8.93
C GLN B 380 13.52 -0.75 -7.80
N TYR B 381 12.44 -0.27 -7.18
CA TYR B 381 12.56 0.57 -5.98
C TYR B 381 13.28 -0.17 -4.85
N ASP B 382 12.93 -1.45 -4.66
CA ASP B 382 13.55 -2.25 -3.61
C ASP B 382 15.06 -2.41 -3.81
N MET B 383 15.48 -2.79 -5.02
CA MET B 383 16.91 -2.92 -5.22
C MET B 383 17.61 -1.57 -5.34
N ALA B 384 16.88 -0.49 -5.58
CA ALA B 384 17.51 0.82 -5.55
C ALA B 384 17.85 1.23 -4.12
N TYR B 385 16.95 1.03 -3.18
CA TYR B 385 17.26 1.41 -1.81
C TYR B 385 17.85 0.26 -0.98
N ALA B 386 18.16 -0.88 -1.59
CA ALA B 386 18.77 -2.00 -0.87
C ALA B 386 20.11 -1.67 -0.22
N SER B 387 20.81 -0.64 -0.69
CA SER B 387 22.10 -0.29 -0.11
C SER B 387 21.98 0.54 1.17
N GLN B 388 20.79 1.01 1.50
CA GLN B 388 20.57 1.79 2.71
C GLN B 388 20.55 0.87 3.93
N PRO B 389 20.73 1.43 5.14
CA PRO B 389 20.50 0.64 6.35
C PRO B 389 19.05 0.17 6.46
N TYR B 390 18.86 -0.84 7.32
CA TYR B 390 17.62 -1.63 7.31
C TYR B 390 16.40 -0.80 7.68
N LEU B 391 16.56 0.18 8.58
CA LEU B 391 15.43 1.02 8.95
C LEU B 391 14.99 1.93 7.82
N LEU B 392 15.93 2.35 6.98
CA LEU B 392 15.68 3.32 5.92
C LEU B 392 15.33 2.67 4.58
N ARG B 393 15.18 1.34 4.55
CA ARG B 393 14.88 0.63 3.31
C ARG B 393 13.35 0.58 3.11
N ASN B 394 12.80 1.74 2.76
CA ASN B 394 11.39 1.86 2.47
C ASN B 394 11.20 3.02 1.51
N GLY B 395 9.95 3.28 1.15
CA GLY B 395 9.65 4.47 0.35
C GLY B 395 9.81 5.73 1.17
N ALA B 396 9.87 6.86 0.46
CA ALA B 396 10.06 8.14 1.12
C ALA B 396 8.87 8.48 2.01
N ASN B 397 7.66 8.18 1.55
CA ASN B 397 6.49 8.10 2.41
C ASN B 397 5.66 6.92 1.91
N GLU B 398 4.43 6.80 2.40
CA GLU B 398 3.63 5.63 2.05
C GLU B 398 3.05 5.68 0.65
N GLY B 399 3.11 6.83 -0.02
CA GLY B 399 2.61 6.91 -1.39
C GLY B 399 3.62 6.71 -2.49
N PHE B 400 4.92 6.74 -2.17
CA PHE B 400 5.96 6.78 -3.19
C PHE B 400 6.07 5.46 -3.96
N HIS B 401 5.96 4.33 -3.24
CA HIS B 401 6.08 3.02 -3.89
C HIS B 401 4.98 2.82 -4.93
N GLU B 402 3.73 3.02 -4.52
CA GLU B 402 2.61 2.84 -5.44
C GLU B 402 2.62 3.92 -6.52
N ALA B 403 3.12 5.12 -6.23
CA ALA B 403 3.23 6.15 -7.26
C ALA B 403 4.22 5.74 -8.34
N VAL B 404 5.36 5.16 -7.94
CA VAL B 404 6.35 4.68 -8.90
C VAL B 404 5.76 3.56 -9.76
N GLY B 405 5.05 2.63 -9.11
CA GLY B 405 4.41 1.55 -9.87
C GLY B 405 3.40 2.05 -10.89
N GLU B 406 2.54 2.98 -10.47
CA GLU B 406 1.54 3.50 -11.41
C GLU B 406 2.15 4.38 -12.49
N VAL B 407 3.27 5.07 -12.22
CA VAL B 407 3.82 5.88 -13.32
C VAL B 407 4.58 5.01 -14.33
N MET B 408 5.20 3.90 -13.89
CA MET B 408 5.68 2.91 -14.86
C MET B 408 4.54 2.34 -15.68
N SER B 409 3.43 1.98 -15.03
CA SER B 409 2.28 1.46 -15.77
C SER B 409 1.68 2.50 -16.71
N LEU B 410 1.74 3.78 -16.34
CA LEU B 410 1.26 4.84 -17.20
C LEU B 410 2.11 4.99 -18.45
N SER B 411 3.44 4.95 -18.28
CA SER B 411 4.31 5.09 -19.44
C SER B 411 4.20 3.89 -20.38
N VAL B 412 4.02 2.69 -19.81
CA VAL B 412 4.02 1.48 -20.64
C VAL B 412 2.74 1.37 -21.47
N ALA B 413 1.59 1.74 -20.89
CA ALA B 413 0.29 1.46 -21.50
C ALA B 413 -0.06 2.36 -22.69
N THR B 414 0.85 3.23 -23.14
CA THR B 414 0.53 4.08 -24.27
C THR B 414 0.46 3.27 -25.57
N PRO B 415 -0.41 3.66 -26.50
CA PRO B 415 -0.51 2.94 -27.78
C PRO B 415 0.75 2.97 -28.62
N LYS B 416 1.59 4.00 -28.48
CA LYS B 416 2.86 4.02 -29.18
C LYS B 416 3.79 2.91 -28.71
N HIS B 417 3.84 2.69 -27.39
CA HIS B 417 4.67 1.62 -26.85
C HIS B 417 4.19 0.25 -27.32
N LEU B 418 2.87 0.04 -27.35
CA LEU B 418 2.33 -1.22 -27.85
C LEU B 418 2.54 -1.37 -29.35
N LYS B 419 2.60 -0.25 -30.08
CA LYS B 419 2.84 -0.31 -31.51
C LYS B 419 4.28 -0.71 -31.81
N THR B 420 5.24 -0.13 -31.09
CA THR B 420 6.63 -0.57 -31.26
C THR B 420 6.90 -1.93 -30.63
N MET B 421 6.02 -2.39 -29.74
CA MET B 421 6.16 -3.74 -29.19
C MET B 421 5.62 -4.80 -30.14
N GLY B 422 4.88 -4.41 -31.16
CA GLY B 422 4.27 -5.35 -32.09
C GLY B 422 2.88 -5.81 -31.70
N LEU B 423 2.41 -5.45 -30.51
CA LEU B 423 1.09 -5.88 -30.05
C LEU B 423 -0.03 -5.07 -30.67
N LEU B 424 0.28 -3.94 -31.29
CA LEU B 424 -0.69 -3.08 -31.93
C LEU B 424 -0.35 -2.97 -33.40
N SER B 425 -1.36 -3.14 -34.26
CA SER B 425 -1.12 -3.09 -35.69
C SER B 425 -0.79 -1.66 -36.11
N PRO B 426 0.09 -1.48 -37.09
CA PRO B 426 0.38 -0.12 -37.60
C PRO B 426 -0.81 0.55 -38.27
N ASP B 427 -1.81 -0.22 -38.71
CA ASP B 427 -3.01 0.37 -39.30
C ASP B 427 -3.92 1.02 -38.28
N PHE B 428 -3.67 0.81 -36.99
CA PHE B 428 -4.45 1.48 -35.95
C PHE B 428 -4.12 2.97 -35.94
N ARG B 429 -5.16 3.81 -35.99
CA ARG B 429 -5.00 5.24 -36.02
C ARG B 429 -5.62 5.84 -34.76
N GLU B 430 -4.92 6.79 -34.16
CA GLU B 430 -5.35 7.41 -32.91
C GLU B 430 -6.07 8.72 -33.24
N ASP B 431 -7.40 8.68 -33.28
CA ASP B 431 -8.17 9.88 -33.51
C ASP B 431 -8.48 10.56 -32.17
N ASP B 432 -9.17 11.70 -32.23
CA ASP B 432 -9.50 12.44 -31.02
C ASP B 432 -10.54 11.71 -30.17
N GLU B 433 -11.33 10.83 -30.77
CA GLU B 433 -12.36 10.11 -30.01
C GLU B 433 -11.76 9.02 -29.14
N THR B 434 -10.64 8.42 -29.55
CA THR B 434 -10.04 7.35 -28.76
C THR B 434 -9.36 7.90 -27.51
N GLU B 435 -8.72 9.06 -27.62
CA GLU B 435 -8.10 9.69 -26.46
C GLU B 435 -9.12 10.09 -25.42
N ILE B 436 -10.31 10.52 -25.85
CA ILE B 436 -11.37 10.86 -24.91
C ILE B 436 -11.84 9.63 -24.14
N ASN B 437 -11.97 8.49 -24.83
CA ASN B 437 -12.34 7.24 -24.17
C ASN B 437 -11.28 6.80 -23.18
N PHE B 438 -10.00 6.89 -23.58
CA PHE B 438 -8.92 6.52 -22.68
C PHE B 438 -8.88 7.42 -21.45
N LEU B 439 -9.04 8.73 -21.65
CA LEU B 439 -8.99 9.67 -20.54
C LEU B 439 -10.19 9.52 -19.61
N LEU B 440 -11.36 9.18 -20.16
CA LEU B 440 -12.52 8.99 -19.30
C LEU B 440 -12.42 7.68 -18.51
N LYS B 441 -11.90 6.62 -19.14
CA LYS B 441 -11.67 5.38 -18.42
C LYS B 441 -10.63 5.57 -17.32
N GLN B 442 -9.58 6.35 -17.59
CA GLN B 442 -8.61 6.69 -16.56
C GLN B 442 -9.23 7.51 -15.44
N ALA B 443 -10.11 8.45 -15.79
CA ALA B 443 -10.67 9.36 -14.80
C ALA B 443 -11.67 8.67 -13.89
N LEU B 444 -12.33 7.61 -14.37
CA LEU B 444 -13.25 6.86 -13.51
C LEU B 444 -12.51 6.09 -12.42
N ASN B 445 -11.22 5.83 -12.60
CA ASN B 445 -10.41 5.17 -11.58
C ASN B 445 -9.54 6.14 -10.80
N ILE B 446 -9.16 7.26 -11.40
CA ILE B 446 -8.22 8.21 -10.79
C ILE B 446 -8.96 9.38 -10.16
N VAL B 447 -9.81 10.07 -10.93
CA VAL B 447 -10.48 11.25 -10.42
C VAL B 447 -11.70 10.86 -9.57
N GLY B 448 -12.34 9.73 -9.90
CA GLY B 448 -13.50 9.31 -9.13
C GLY B 448 -13.19 8.79 -7.75
N THR B 449 -11.95 8.38 -7.50
CA THR B 449 -11.57 7.84 -6.21
C THR B 449 -11.02 8.87 -5.24
N LEU B 450 -10.73 10.09 -5.70
CA LEU B 450 -10.08 11.07 -4.85
C LEU B 450 -11.04 11.74 -3.85
N PRO B 451 -12.25 12.20 -4.23
CA PRO B 451 -13.16 12.69 -3.19
C PRO B 451 -13.57 11.62 -2.18
N PHE B 452 -13.72 10.38 -2.62
CA PHE B 452 -14.07 9.30 -1.70
C PHE B 452 -12.95 9.06 -0.68
N THR B 453 -11.71 9.00 -1.17
CA THR B 453 -10.56 8.78 -0.29
C THR B 453 -10.38 9.94 0.69
N TYR B 454 -10.47 11.17 0.18
CA TYR B 454 -10.34 12.35 1.02
C TYR B 454 -11.43 12.41 2.07
N MET B 455 -12.67 12.09 1.67
CA MET B 455 -13.80 12.19 2.59
C MET B 455 -13.75 11.10 3.64
N LEU B 456 -13.35 9.88 3.27
CA LEU B 456 -13.22 8.81 4.25
C LEU B 456 -12.10 9.08 5.25
N GLU B 457 -10.95 9.57 4.77
CA GLU B 457 -9.87 9.90 5.68
C GLU B 457 -10.24 11.08 6.58
N LYS B 458 -10.98 12.05 6.04
CA LYS B 458 -11.46 13.17 6.85
C LYS B 458 -12.40 12.69 7.95
N TRP B 459 -13.35 11.81 7.61
CA TRP B 459 -14.28 11.28 8.59
C TRP B 459 -13.55 10.50 9.68
N ARG B 460 -12.58 9.67 9.29
CA ARG B 460 -11.80 8.94 10.29
C ARG B 460 -10.98 9.87 11.16
N TRP B 461 -10.43 10.94 10.58
CA TRP B 461 -9.61 11.88 11.34
C TRP B 461 -10.44 12.62 12.39
N MET B 462 -11.61 13.13 12.03
CA MET B 462 -12.41 13.77 13.07
C MET B 462 -13.20 12.80 13.94
N VAL B 463 -13.28 11.52 13.58
CA VAL B 463 -13.77 10.53 14.54
C VAL B 463 -12.71 10.26 15.60
N PHE B 464 -11.45 10.09 15.18
CA PHE B 464 -10.37 9.86 16.15
C PHE B 464 -10.08 11.09 16.99
N LYS B 465 -10.22 12.29 16.40
CA LYS B 465 -9.95 13.52 17.14
C LYS B 465 -11.04 13.82 18.15
N GLY B 466 -12.27 13.36 17.90
CA GLY B 466 -13.39 13.68 18.76
C GLY B 466 -14.29 14.77 18.25
N GLU B 467 -14.01 15.32 17.06
CA GLU B 467 -14.87 16.37 16.52
C GLU B 467 -16.24 15.83 16.13
N ILE B 468 -16.33 14.55 15.78
CA ILE B 468 -17.61 13.87 15.62
C ILE B 468 -17.91 13.11 16.90
N PRO B 469 -18.93 13.47 17.65
CA PRO B 469 -19.35 12.62 18.78
C PRO B 469 -19.93 11.32 18.29
N LYS B 470 -19.99 10.34 19.22
CA LYS B 470 -20.44 8.99 18.90
C LYS B 470 -21.89 8.95 18.43
N GLU B 471 -22.69 9.95 18.76
CA GLU B 471 -24.10 10.01 18.39
C GLU B 471 -24.33 10.71 17.05
N GLU B 472 -23.25 11.14 16.38
CA GLU B 472 -23.39 11.83 15.10
C GLU B 472 -22.53 11.19 14.01
N TRP B 473 -22.12 9.93 14.18
CA TRP B 473 -21.21 9.28 13.25
C TRP B 473 -21.83 9.14 11.86
N MET B 474 -23.02 8.53 11.80
CA MET B 474 -23.67 8.33 10.51
C MET B 474 -24.20 9.63 9.93
N LYS B 475 -24.64 10.54 10.81
CA LYS B 475 -25.09 11.85 10.36
C LYS B 475 -23.98 12.62 9.67
N LYS B 476 -22.79 12.65 10.28
CA LYS B 476 -21.67 13.33 9.66
C LYS B 476 -21.15 12.57 8.43
N TRP B 477 -21.20 11.23 8.47
CA TRP B 477 -20.78 10.45 7.31
C TRP B 477 -21.61 10.77 6.08
N TRP B 478 -22.93 10.77 6.22
CA TRP B 478 -23.79 11.06 5.08
C TRP B 478 -24.02 12.55 4.85
N GLU B 479 -23.54 13.42 5.74
CA GLU B 479 -23.46 14.83 5.40
C GLU B 479 -22.25 15.12 4.51
N MET B 480 -21.08 14.60 4.90
CA MET B 480 -19.89 14.82 4.09
C MET B 480 -19.91 14.01 2.80
N ARG B 481 -20.65 12.90 2.77
CA ARG B 481 -20.82 12.18 1.51
C ARG B 481 -21.65 12.99 0.52
N ARG B 482 -22.65 13.73 1.00
CA ARG B 482 -23.44 14.57 0.13
C ARG B 482 -22.66 15.82 -0.29
N GLU B 483 -21.96 16.45 0.65
CA GLU B 483 -21.29 17.71 0.39
C GLU B 483 -19.97 17.55 -0.36
N ILE B 484 -19.18 16.52 -0.07
CA ILE B 484 -17.85 16.34 -0.63
C ILE B 484 -17.90 15.46 -1.88
N VAL B 485 -18.48 14.26 -1.77
CA VAL B 485 -18.47 13.31 -2.87
C VAL B 485 -19.65 13.53 -3.82
N GLY B 486 -20.69 14.22 -3.39
CA GLY B 486 -21.90 14.32 -4.19
C GLY B 486 -22.65 13.01 -4.31
N VAL B 487 -22.73 12.25 -3.23
CA VAL B 487 -23.36 10.93 -3.23
C VAL B 487 -24.37 10.89 -2.09
N VAL B 488 -25.61 10.53 -2.40
CA VAL B 488 -26.70 10.48 -1.45
C VAL B 488 -26.99 9.01 -1.13
N GLU B 489 -27.35 8.75 0.12
CA GLU B 489 -27.74 7.40 0.49
C GLU B 489 -29.15 7.11 -0.03
N PRO B 490 -29.41 5.87 -0.45
CA PRO B 490 -30.78 5.51 -0.87
C PRO B 490 -31.70 5.17 0.29
N VAL B 491 -31.15 4.85 1.46
CA VAL B 491 -31.93 4.47 2.63
C VAL B 491 -31.35 5.21 3.83
N PRO B 492 -32.16 5.89 4.64
CA PRO B 492 -31.62 6.62 5.79
C PRO B 492 -31.01 5.67 6.82
N HIS B 493 -29.92 6.11 7.43
CA HIS B 493 -29.15 5.29 8.35
C HIS B 493 -28.96 6.02 9.66
N ASP B 494 -29.40 5.41 10.76
CA ASP B 494 -29.24 5.98 12.09
C ASP B 494 -27.95 5.47 12.71
N GLU B 495 -27.80 5.66 14.02
CA GLU B 495 -26.55 5.33 14.71
C GLU B 495 -26.37 3.84 14.93
N THR B 496 -27.36 3.00 14.60
CA THR B 496 -27.16 1.56 14.64
C THR B 496 -26.23 1.08 13.53
N TYR B 497 -26.07 1.87 12.47
CA TYR B 497 -25.27 1.49 11.32
C TYR B 497 -23.82 1.92 11.51
N CYS B 498 -22.92 1.22 10.81
CA CYS B 498 -21.52 1.62 10.67
C CYS B 498 -21.14 1.39 9.21
N ASP B 499 -21.36 2.40 8.39
CA ASP B 499 -21.12 2.34 6.94
C ASP B 499 -19.65 2.44 6.54
N PRO B 500 -18.78 3.26 7.20
CA PRO B 500 -17.35 3.14 6.91
C PRO B 500 -16.78 1.77 7.19
N ALA B 501 -17.21 1.12 8.26
CA ALA B 501 -16.66 -0.18 8.65
C ALA B 501 -16.99 -1.27 7.65
N SER B 502 -17.96 -1.05 6.76
CA SER B 502 -18.24 -1.97 5.66
C SER B 502 -17.15 -1.96 4.60
N LEU B 503 -16.24 -1.00 4.63
CA LEU B 503 -15.07 -1.00 3.76
C LEU B 503 -13.97 -1.86 4.39
N PHE B 504 -13.13 -2.43 3.53
CA PHE B 504 -12.08 -3.34 4.00
C PHE B 504 -11.06 -2.63 4.87
N HIS B 505 -10.62 -1.45 4.45
CA HIS B 505 -9.52 -0.76 5.14
C HIS B 505 -9.95 -0.27 6.51
N VAL B 506 -11.20 0.16 6.66
CA VAL B 506 -11.69 0.65 7.94
C VAL B 506 -11.85 -0.52 8.92
N ALA B 507 -12.32 -1.66 8.44
CA ALA B 507 -12.51 -2.82 9.30
C ALA B 507 -11.22 -3.59 9.57
N ASN B 508 -10.16 -3.35 8.82
CA ASN B 508 -8.90 -4.07 8.99
C ASN B 508 -7.75 -3.17 9.44
N ASP B 509 -8.06 -1.96 9.90
CA ASP B 509 -7.10 -1.02 10.49
C ASP B 509 -5.97 -0.67 9.52
N TYR B 510 -6.37 -0.09 8.39
CA TYR B 510 -5.44 0.34 7.36
C TYR B 510 -5.67 1.82 7.08
N SER B 511 -4.59 2.59 7.03
CA SER B 511 -4.68 3.99 6.65
C SER B 511 -5.07 4.13 5.19
N PHE B 512 -5.75 5.22 4.87
CA PHE B 512 -6.30 5.42 3.54
C PHE B 512 -5.74 6.60 2.78
N ILE B 513 -4.98 7.49 3.43
CA ILE B 513 -4.47 8.68 2.77
C ILE B 513 -3.32 8.39 1.81
N ARG B 514 -2.75 7.18 1.87
CA ARG B 514 -1.71 6.79 0.94
C ARG B 514 -2.23 6.73 -0.48
N TYR B 515 -3.48 6.29 -0.66
CA TYR B 515 -4.09 6.26 -1.98
C TYR B 515 -4.36 7.66 -2.51
N TYR B 516 -4.59 8.62 -1.61
CA TYR B 516 -4.75 10.01 -2.03
C TYR B 516 -3.42 10.62 -2.45
N THR B 517 -2.37 10.41 -1.66
CA THR B 517 -1.09 11.02 -1.97
C THR B 517 -0.40 10.33 -3.14
N ARG B 518 -0.71 9.05 -3.38
CA ARG B 518 -0.12 8.29 -4.47
C ARG B 518 -0.43 8.91 -5.82
N THR B 519 -1.67 9.33 -6.04
CA THR B 519 -2.06 9.88 -7.33
C THR B 519 -1.35 11.20 -7.61
N ILE B 520 -1.28 12.07 -6.59
CA ILE B 520 -0.63 13.37 -6.75
C ILE B 520 0.86 13.17 -7.04
N PHE B 521 1.52 12.32 -6.26
CA PHE B 521 2.93 12.05 -6.48
C PHE B 521 3.18 11.38 -7.83
N GLU B 522 2.28 10.48 -8.23
CA GLU B 522 2.42 9.75 -9.49
C GLU B 522 2.36 10.69 -10.67
N PHE B 523 1.39 11.61 -10.67
CA PHE B 523 1.29 12.52 -11.81
C PHE B 523 2.37 13.60 -11.78
N GLN B 524 2.85 13.98 -10.59
CA GLN B 524 4.01 14.86 -10.50
C GLN B 524 5.25 14.19 -11.11
N PHE B 525 5.48 12.92 -10.77
CA PHE B 525 6.61 12.18 -11.33
C PHE B 525 6.45 12.00 -12.83
N HIS B 526 5.22 11.77 -13.29
CA HIS B 526 4.96 11.61 -14.72
C HIS B 526 5.30 12.88 -15.48
N GLU B 527 4.87 14.04 -14.96
CA GLU B 527 5.16 15.31 -15.62
C GLU B 527 6.66 15.59 -15.63
N ALA B 528 7.35 15.31 -14.50
CA ALA B 528 8.78 15.56 -14.43
C ALA B 528 9.55 14.67 -15.40
N LEU B 529 9.22 13.37 -15.43
CA LEU B 529 9.96 12.44 -16.28
C LEU B 529 9.63 12.63 -17.76
N CYS B 530 8.41 13.10 -18.07
CA CYS B 530 8.10 13.41 -19.46
C CYS B 530 8.75 14.71 -19.91
N ARG B 531 8.94 15.66 -18.99
CA ARG B 531 9.70 16.85 -19.32
C ARG B 531 11.17 16.51 -19.56
N ILE B 532 11.74 15.61 -18.74
CA ILE B 532 13.13 15.21 -18.92
C ILE B 532 13.30 14.43 -20.22
N ALA B 533 12.32 13.61 -20.58
CA ALA B 533 12.38 12.80 -21.80
C ALA B 533 12.09 13.60 -23.06
N GLN B 534 11.98 14.93 -22.97
CA GLN B 534 11.76 15.84 -24.10
C GLN B 534 10.52 15.49 -24.91
N HIS B 535 9.46 15.11 -24.21
CA HIS B 535 8.18 14.86 -24.87
C HIS B 535 7.50 16.18 -25.18
N ASN B 536 6.97 16.30 -26.39
CA ASN B 536 6.39 17.56 -26.86
C ASN B 536 4.87 17.54 -26.98
N GLY B 537 4.24 16.38 -26.96
CA GLY B 537 2.80 16.29 -27.12
C GLY B 537 2.04 16.35 -25.81
N PRO B 538 0.77 15.94 -25.85
CA PRO B 538 -0.02 15.89 -24.62
C PRO B 538 0.50 14.84 -23.65
N LEU B 539 0.27 15.10 -22.36
CA LEU B 539 0.92 14.33 -21.30
C LEU B 539 0.43 12.89 -21.23
N HIS B 540 -0.78 12.62 -21.71
CA HIS B 540 -1.31 11.26 -21.69
C HIS B 540 -0.76 10.38 -22.80
N LYS B 541 -0.01 10.95 -23.74
CA LYS B 541 0.60 10.21 -24.83
C LYS B 541 2.12 10.11 -24.67
N CYS B 542 2.60 10.06 -23.43
CA CYS B 542 4.02 10.15 -23.15
C CYS B 542 4.58 8.78 -22.78
N ASP B 543 5.74 8.47 -23.34
CA ASP B 543 6.46 7.23 -23.06
C ASP B 543 7.91 7.59 -22.73
N ILE B 544 8.39 7.10 -21.60
CA ILE B 544 9.73 7.43 -21.13
C ILE B 544 10.74 6.36 -21.53
N SER B 545 10.40 5.51 -22.50
CA SER B 545 11.32 4.51 -22.99
C SER B 545 12.50 5.15 -23.71
N ASN B 546 13.66 4.50 -23.60
CA ASN B 546 14.94 4.94 -24.16
C ASN B 546 15.39 6.28 -23.61
N SER B 547 14.92 6.68 -22.44
CA SER B 547 15.29 7.96 -21.85
C SER B 547 16.25 7.67 -20.70
N THR B 548 17.54 7.76 -20.98
CA THR B 548 18.55 7.51 -19.94
C THR B 548 18.61 8.65 -18.94
N ASP B 549 18.26 9.86 -19.35
CA ASP B 549 18.22 10.98 -18.40
C ASP B 549 17.05 10.84 -17.43
N ALA B 550 15.87 10.45 -17.94
CA ALA B 550 14.72 10.23 -17.07
C ALA B 550 14.97 9.07 -16.12
N GLY B 551 15.57 7.99 -16.62
CA GLY B 551 15.94 6.89 -15.75
C GLY B 551 17.01 7.25 -14.74
N LYS B 552 17.95 8.12 -15.12
CA LYS B 552 18.96 8.59 -14.19
C LYS B 552 18.34 9.40 -13.05
N LYS B 553 17.42 10.31 -13.38
CA LYS B 553 16.73 11.09 -12.36
C LYS B 553 15.86 10.20 -11.49
N LEU B 554 15.18 9.23 -12.09
CA LEU B 554 14.35 8.30 -11.33
C LEU B 554 15.18 7.43 -10.41
N HIS B 555 16.36 7.00 -10.87
CA HIS B 555 17.23 6.20 -10.01
C HIS B 555 17.84 7.02 -8.89
N GLN B 556 18.10 8.31 -9.14
CA GLN B 556 18.53 9.19 -8.06
C GLN B 556 17.43 9.36 -7.02
N MET B 557 16.17 9.41 -7.48
CA MET B 557 15.03 9.41 -6.55
C MET B 557 14.98 8.12 -5.73
N LEU B 558 15.02 6.98 -6.42
CA LEU B 558 14.76 5.69 -5.77
C LEU B 558 15.94 5.21 -4.93
N SER B 559 17.14 5.75 -5.17
CA SER B 559 18.31 5.31 -4.42
C SER B 559 18.21 5.71 -2.95
N VAL B 560 17.73 6.92 -2.68
CA VAL B 560 17.50 7.37 -1.30
C VAL B 560 16.12 6.90 -0.87
N GLY B 561 16.08 5.88 -0.02
CA GLY B 561 14.81 5.34 0.41
C GLY B 561 14.14 6.18 1.49
N LYS B 562 14.79 6.26 2.65
CA LYS B 562 14.32 7.10 3.75
C LYS B 562 15.47 7.84 4.41
N SER B 563 16.63 7.92 3.75
CA SER B 563 17.79 8.57 4.35
C SER B 563 17.62 10.08 4.48
N GLN B 564 16.70 10.67 3.71
CA GLN B 564 16.44 12.10 3.76
C GLN B 564 14.93 12.32 3.81
N ALA B 565 14.54 13.58 3.92
CA ALA B 565 13.14 13.95 3.91
C ALA B 565 12.54 13.70 2.54
N TRP B 566 11.24 13.36 2.52
CA TRP B 566 10.56 13.18 1.24
C TRP B 566 10.38 14.49 0.50
N THR B 567 10.38 15.62 1.22
CA THR B 567 10.34 16.92 0.57
C THR B 567 11.60 17.16 -0.26
N LYS B 568 12.76 16.77 0.26
CA LYS B 568 14.01 16.93 -0.48
C LYS B 568 14.05 16.02 -1.70
N THR B 569 13.58 14.78 -1.55
CA THR B 569 13.53 13.86 -2.69
C THR B 569 12.58 14.36 -3.76
N LEU B 570 11.41 14.85 -3.35
CA LEU B 570 10.44 15.41 -4.29
C LEU B 570 11.00 16.63 -4.99
N GLU B 571 11.69 17.51 -4.26
CA GLU B 571 12.33 18.66 -4.90
C GLU B 571 13.44 18.24 -5.84
N ASP B 572 14.12 17.12 -5.54
CA ASP B 572 15.16 16.63 -6.42
C ASP B 572 14.57 16.11 -7.74
N ILE B 573 13.43 15.44 -7.69
CA ILE B 573 12.91 14.84 -8.93
C ILE B 573 12.02 15.81 -9.70
N VAL B 574 11.07 16.49 -9.04
CA VAL B 574 10.09 17.32 -9.77
C VAL B 574 10.35 18.80 -9.63
N GLY B 575 11.30 19.22 -8.80
CA GLY B 575 11.61 20.62 -8.63
C GLY B 575 10.75 21.37 -7.63
N SER B 576 9.82 20.68 -6.98
CA SER B 576 8.92 21.31 -6.01
C SER B 576 8.96 20.55 -4.69
N ARG B 577 8.94 21.31 -3.60
CA ARG B 577 8.95 20.72 -2.26
C ARG B 577 7.58 20.24 -1.82
N ASN B 578 6.50 20.69 -2.46
CA ASN B 578 5.15 20.45 -1.99
C ASN B 578 4.40 19.56 -2.96
N MET B 579 3.31 18.98 -2.47
CA MET B 579 2.41 18.22 -3.33
C MET B 579 1.63 19.17 -4.23
N ASP B 580 1.65 18.89 -5.53
CA ASP B 580 1.01 19.75 -6.52
C ASP B 580 0.11 18.89 -7.40
N VAL B 581 -1.14 19.30 -7.54
CA VAL B 581 -2.11 18.58 -8.36
C VAL B 581 -2.22 19.17 -9.77
N GLY B 582 -1.43 20.22 -10.06
CA GLY B 582 -1.32 20.76 -11.40
C GLY B 582 -0.94 19.80 -12.50
N PRO B 583 0.03 18.90 -12.28
CA PRO B 583 0.23 17.81 -13.26
C PRO B 583 -0.98 16.92 -13.48
N LEU B 584 -1.75 16.64 -12.43
CA LEU B 584 -2.96 15.83 -12.59
C LEU B 584 -4.01 16.55 -13.44
N LEU B 585 -4.18 17.85 -13.23
CA LEU B 585 -5.14 18.60 -14.02
C LEU B 585 -4.63 18.83 -15.44
N ARG B 586 -3.32 18.90 -15.62
CA ARG B 586 -2.76 19.03 -16.96
C ARG B 586 -2.86 17.72 -17.73
N TYR B 587 -2.82 16.59 -17.03
CA TYR B 587 -3.02 15.29 -17.67
C TYR B 587 -4.44 15.16 -18.21
N PHE B 588 -5.43 15.62 -17.46
CA PHE B 588 -6.84 15.48 -17.82
C PHE B 588 -7.41 16.75 -18.46
N GLU B 589 -6.56 17.61 -18.99
CA GLU B 589 -7.03 18.85 -19.62
C GLU B 589 -7.88 18.63 -20.88
N PRO B 590 -7.51 17.76 -21.85
CA PRO B 590 -8.45 17.53 -22.97
C PRO B 590 -9.76 16.93 -22.54
N LEU B 591 -9.73 16.03 -21.55
CA LEU B 591 -10.97 15.49 -21.01
C LEU B 591 -11.78 16.57 -20.31
N TYR B 592 -11.11 17.49 -19.62
CA TYR B 592 -11.81 18.60 -18.97
C TYR B 592 -12.49 19.50 -20.00
N THR B 593 -11.80 19.80 -21.11
CA THR B 593 -12.40 20.61 -22.17
C THR B 593 -13.60 19.89 -22.79
N TRP B 594 -13.47 18.59 -23.04
CA TRP B 594 -14.57 17.82 -23.61
C TRP B 594 -15.76 17.75 -22.65
N LEU B 595 -15.50 17.57 -21.35
CA LEU B 595 -16.57 17.53 -20.37
C LEU B 595 -17.27 18.88 -20.24
N GLN B 596 -16.51 19.98 -20.33
CA GLN B 596 -17.10 21.30 -20.31
C GLN B 596 -17.98 21.53 -21.53
N GLU B 597 -17.55 21.02 -22.69
CA GLU B 597 -18.37 21.12 -23.89
C GLU B 597 -19.63 20.26 -23.80
N GLN B 598 -19.53 19.10 -23.15
CA GLN B 598 -20.69 18.21 -23.04
C GLN B 598 -21.69 18.69 -22.01
N ASN B 599 -21.23 19.27 -20.91
CA ASN B 599 -22.11 19.69 -19.83
C ASN B 599 -22.58 21.13 -20.00
N ARG B 600 -23.11 21.44 -21.18
CA ARG B 600 -23.74 22.74 -21.42
C ARG B 600 -25.25 22.71 -21.27
N LYS B 601 -25.87 21.59 -21.61
CA LYS B 601 -27.29 21.39 -21.40
C LYS B 601 -27.61 20.75 -20.05
N SER B 602 -26.59 20.34 -19.30
CA SER B 602 -26.77 19.71 -18.01
C SER B 602 -26.45 20.69 -16.89
N TYR B 603 -26.80 20.28 -15.67
CA TYR B 603 -26.50 21.06 -14.47
C TYR B 603 -25.20 20.54 -13.87
N VAL B 604 -24.27 21.44 -13.62
CA VAL B 604 -22.99 21.10 -13.01
C VAL B 604 -23.07 21.46 -11.53
N GLY B 605 -22.80 20.49 -10.68
CA GLY B 605 -22.97 20.64 -9.24
C GLY B 605 -24.16 19.84 -8.75
N TRP B 606 -24.34 19.89 -7.44
CA TRP B 606 -25.40 19.13 -6.80
C TRP B 606 -25.93 19.88 -5.59
N ASN B 607 -27.14 19.53 -5.18
CA ASN B 607 -27.70 19.97 -3.92
C ASN B 607 -27.69 18.81 -2.92
N THR B 608 -27.58 19.16 -1.64
CA THR B 608 -27.51 18.17 -0.58
C THR B 608 -28.86 17.91 0.06
N ASP B 609 -29.94 18.31 -0.60
CA ASP B 609 -31.28 18.15 -0.06
C ASP B 609 -32.08 17.02 -0.69
N TRP B 610 -31.83 16.71 -1.96
CA TRP B 610 -32.55 15.65 -2.62
C TRP B 610 -32.06 14.28 -2.18
N SER B 611 -33.00 13.37 -2.00
CA SER B 611 -32.74 11.97 -1.69
C SER B 611 -33.72 11.13 -2.50
N PRO B 612 -33.42 9.85 -2.73
CA PRO B 612 -34.44 8.96 -3.32
C PRO B 612 -35.70 8.84 -2.49
N TYR B 613 -35.61 9.01 -1.17
CA TYR B 613 -36.75 8.94 -0.27
C TYR B 613 -37.28 10.31 0.13
N SER B 614 -36.70 11.39 -0.39
CA SER B 614 -37.04 12.72 0.10
C SER B 614 -38.41 13.18 -0.39
N ASP B 615 -38.74 12.91 -1.65
CA ASP B 615 -39.98 13.40 -2.22
C ASP B 615 -41.21 12.70 -1.66
N GLN B 616 -41.04 11.55 -1.02
CA GLN B 616 -42.16 10.74 -0.57
C GLN B 616 -42.25 10.66 0.95
N SER B 617 -41.59 11.55 1.66
CA SER B 617 -41.55 11.54 3.11
C SER B 617 -42.49 12.59 3.69
N ILE B 618 -43.06 12.29 4.85
CA ILE B 618 -43.99 13.18 5.53
C ILE B 618 -43.31 13.75 6.77
N LYS B 619 -43.38 15.07 6.91
CA LYS B 619 -42.70 15.78 7.99
C LYS B 619 -43.60 15.81 9.22
N VAL B 620 -43.05 15.39 10.36
CA VAL B 620 -43.78 15.29 11.61
C VAL B 620 -43.18 16.29 12.58
N ARG B 621 -44.01 17.20 13.09
CA ARG B 621 -43.60 18.17 14.09
C ARG B 621 -44.05 17.72 15.47
N ILE B 622 -43.15 17.81 16.44
CA ILE B 622 -43.45 17.47 17.83
C ILE B 622 -43.72 18.77 18.58
N SER B 623 -44.90 18.86 19.19
CA SER B 623 -45.29 20.04 19.97
C SER B 623 -45.69 19.59 21.36
N LEU B 624 -45.16 20.26 22.38
CA LEU B 624 -45.46 19.93 23.76
C LEU B 624 -45.50 21.17 24.64
N GLU B 634 -39.93 14.20 26.21
CA GLU B 634 -39.72 12.83 26.65
C GLU B 634 -39.72 11.86 25.47
N TRP B 635 -39.68 12.41 24.27
CA TRP B 635 -39.75 11.62 23.03
C TRP B 635 -38.37 11.02 22.76
N ASN B 636 -38.05 9.97 23.51
CA ASN B 636 -36.81 9.23 23.34
C ASN B 636 -37.05 8.07 22.37
N ASP B 637 -36.13 7.11 22.33
CA ASP B 637 -36.18 6.04 21.34
C ASP B 637 -37.37 5.11 21.55
N ASN B 638 -37.85 4.95 22.78
CA ASN B 638 -39.00 4.09 23.03
C ASN B 638 -40.27 4.66 22.42
N GLU B 639 -40.47 5.97 22.56
CA GLU B 639 -41.62 6.60 21.92
C GLU B 639 -41.48 6.59 20.40
N MET B 640 -40.26 6.64 19.89
CA MET B 640 -40.05 6.54 18.45
C MET B 640 -40.40 5.14 17.95
N TYR B 641 -40.05 4.11 18.72
CA TYR B 641 -40.47 2.75 18.40
C TYR B 641 -41.98 2.61 18.43
N LEU B 642 -42.63 3.23 19.42
CA LEU B 642 -44.09 3.19 19.50
C LEU B 642 -44.72 3.91 18.31
N PHE B 643 -44.13 5.02 17.88
CA PHE B 643 -44.62 5.73 16.70
C PHE B 643 -44.45 4.90 15.44
N ARG B 644 -43.32 4.22 15.30
CA ARG B 644 -43.10 3.36 14.13
C ARG B 644 -44.07 2.19 14.12
N SER B 645 -44.36 1.62 15.29
CA SER B 645 -45.35 0.54 15.38
C SER B 645 -46.74 1.05 15.05
N SER B 646 -47.08 2.27 15.49
CA SER B 646 -48.37 2.87 15.17
C SER B 646 -48.52 3.12 13.68
N VAL B 647 -47.45 3.60 13.04
CA VAL B 647 -47.47 3.84 11.60
C VAL B 647 -47.60 2.53 10.83
N ALA B 648 -46.91 1.48 11.30
CA ALA B 648 -47.03 0.17 10.68
C ALA B 648 -48.42 -0.41 10.82
N TYR B 649 -49.04 -0.23 11.99
CA TYR B 649 -50.41 -0.70 12.19
C TYR B 649 -51.39 0.07 11.32
N ALA B 650 -51.19 1.38 11.18
CA ALA B 650 -52.04 2.17 10.30
C ALA B 650 -51.88 1.75 8.84
N MET B 651 -50.65 1.42 8.45
CA MET B 651 -50.39 0.91 7.10
C MET B 651 -51.12 -0.40 6.86
N ARG B 652 -51.03 -1.32 7.84
CA ARG B 652 -51.73 -2.60 7.74
C ARG B 652 -53.24 -2.42 7.64
N GLU B 653 -53.80 -1.55 8.48
CA GLU B 653 -55.23 -1.31 8.47
C GLU B 653 -55.70 -0.69 7.16
N TYR B 654 -54.94 0.29 6.64
CA TYR B 654 -55.30 0.92 5.37
C TYR B 654 -55.23 -0.07 4.21
N PHE B 655 -54.18 -0.89 4.17
CA PHE B 655 -54.04 -1.83 3.06
C PHE B 655 -55.05 -2.97 3.16
N LEU B 656 -55.48 -3.32 4.37
CA LEU B 656 -56.52 -4.33 4.52
C LEU B 656 -57.89 -3.79 4.17
N LYS B 657 -58.20 -2.56 4.57
CA LYS B 657 -59.54 -2.01 4.42
C LYS B 657 -59.75 -1.24 3.12
N THR B 658 -58.69 -1.02 2.32
CA THR B 658 -58.84 -0.27 1.08
C THR B 658 -58.57 -1.13 -0.15
N LYS B 659 -57.39 -1.77 -0.22
CA LYS B 659 -57.02 -2.54 -1.40
C LYS B 659 -57.28 -4.03 -1.24
N ASN B 660 -57.83 -4.46 -0.10
CA ASN B 660 -58.11 -5.87 0.20
C ASN B 660 -56.87 -6.74 0.09
N GLN B 661 -55.73 -6.20 0.53
CA GLN B 661 -54.45 -6.89 0.50
C GLN B 661 -53.89 -6.95 1.91
N THR B 662 -53.34 -8.09 2.28
CA THR B 662 -52.66 -8.25 3.56
C THR B 662 -51.15 -8.15 3.35
N ILE B 663 -50.53 -7.21 4.04
CA ILE B 663 -49.08 -6.97 3.96
C ILE B 663 -48.60 -6.70 5.38
N LEU B 664 -47.63 -7.49 5.85
CA LEU B 664 -47.17 -7.43 7.24
C LEU B 664 -46.13 -6.32 7.37
N PHE B 665 -46.63 -5.08 7.44
CA PHE B 665 -45.79 -3.94 7.71
C PHE B 665 -45.28 -3.97 9.15
N GLY B 666 -44.01 -3.64 9.34
CA GLY B 666 -43.39 -3.64 10.65
C GLY B 666 -42.77 -2.29 10.96
N ASP B 667 -42.18 -2.21 12.16
CA ASP B 667 -41.47 -1.00 12.56
C ASP B 667 -40.17 -0.82 11.78
N GLU B 668 -39.59 -1.92 11.29
CA GLU B 668 -38.40 -1.84 10.47
C GLU B 668 -38.69 -1.35 9.05
N ASN B 669 -39.96 -1.28 8.65
CA ASN B 669 -40.34 -0.77 7.35
C ASN B 669 -40.67 0.72 7.38
N VAL B 670 -40.59 1.35 8.55
CA VAL B 670 -40.81 2.79 8.69
C VAL B 670 -39.44 3.42 8.94
N TRP B 671 -38.99 4.23 7.99
CA TRP B 671 -37.65 4.80 8.00
C TRP B 671 -37.73 6.27 8.41
N VAL B 672 -36.88 6.66 9.35
CA VAL B 672 -36.91 7.98 9.95
C VAL B 672 -35.65 8.74 9.52
N SER B 673 -35.83 9.96 9.04
CA SER B 673 -34.74 10.80 8.58
C SER B 673 -34.91 12.20 9.12
N ASN B 674 -33.79 12.93 9.17
CA ASN B 674 -33.72 14.33 9.62
C ASN B 674 -34.26 14.47 11.05
N LEU B 675 -33.68 13.69 11.94
CA LEU B 675 -34.18 13.57 13.31
C LEU B 675 -33.58 14.67 14.17
N LYS B 676 -34.36 15.72 14.43
CA LYS B 676 -34.05 16.61 15.52
C LYS B 676 -34.32 15.89 16.85
N PRO B 677 -33.57 16.22 17.90
CA PRO B 677 -33.73 15.48 19.17
C PRO B 677 -35.12 15.54 19.78
N ARG B 678 -35.80 16.68 19.71
CA ARG B 678 -37.16 16.77 20.22
C ARG B 678 -38.07 17.66 19.37
N ILE B 679 -37.61 18.13 18.21
CA ILE B 679 -38.36 19.12 17.45
C ILE B 679 -39.18 18.46 16.35
N SER B 680 -38.50 17.83 15.39
CA SER B 680 -39.20 17.31 14.22
C SER B 680 -38.38 16.22 13.56
N PHE B 681 -39.06 15.44 12.71
CA PHE B 681 -38.41 14.42 11.90
C PHE B 681 -39.28 14.12 10.69
N ASN B 682 -38.67 13.48 9.69
CA ASN B 682 -39.36 13.03 8.49
C ASN B 682 -39.38 11.51 8.46
N PHE B 683 -40.46 10.95 7.90
CA PHE B 683 -40.59 9.51 7.83
C PHE B 683 -41.21 9.10 6.50
N HIS B 684 -40.85 7.90 6.04
CA HIS B 684 -41.44 7.29 4.87
C HIS B 684 -41.51 5.80 5.09
N VAL B 685 -42.40 5.14 4.34
CA VAL B 685 -42.70 3.72 4.51
C VAL B 685 -42.26 2.97 3.27
N THR B 686 -41.59 1.84 3.46
CA THR B 686 -41.22 0.94 2.39
C THR B 686 -41.92 -0.41 2.59
N SER B 687 -42.00 -1.16 1.50
CA SER B 687 -42.66 -2.46 1.54
C SER B 687 -41.78 -3.50 2.22
N PRO B 688 -42.37 -4.52 2.84
CA PRO B 688 -41.59 -5.69 3.25
C PRO B 688 -41.06 -6.43 2.03
N GLU B 689 -39.92 -7.09 2.23
CA GLU B 689 -39.16 -7.88 1.24
C GLU B 689 -38.71 -7.08 0.03
N ASN B 690 -38.89 -5.76 0.06
CA ASN B 690 -38.50 -4.89 -1.05
C ASN B 690 -38.25 -3.50 -0.48
N VAL B 691 -36.97 -3.17 -0.27
CA VAL B 691 -36.63 -1.87 0.30
C VAL B 691 -36.68 -0.77 -0.76
N SER B 692 -36.74 -1.15 -2.03
CA SER B 692 -36.83 -0.16 -3.12
C SER B 692 -38.26 0.28 -3.39
N ASP B 693 -39.25 -0.32 -2.75
CA ASP B 693 -40.65 -0.01 -3.00
C ASP B 693 -41.13 0.96 -1.91
N ILE B 694 -40.88 2.24 -2.13
CA ILE B 694 -41.37 3.27 -1.23
C ILE B 694 -42.85 3.48 -1.47
N ILE B 695 -43.64 3.36 -0.41
CA ILE B 695 -45.09 3.57 -0.51
C ILE B 695 -45.36 5.02 -0.88
N PRO B 696 -46.30 5.31 -1.77
CA PRO B 696 -46.61 6.70 -2.10
C PRO B 696 -47.09 7.51 -0.90
N ARG B 697 -46.70 8.78 -0.89
CA ARG B 697 -46.99 9.67 0.23
C ARG B 697 -48.49 9.89 0.42
N SER B 698 -49.26 9.88 -0.67
CA SER B 698 -50.71 10.00 -0.56
C SER B 698 -51.32 8.81 0.16
N GLU B 699 -50.80 7.60 -0.11
CA GLU B 699 -51.30 6.41 0.57
C GLU B 699 -51.00 6.45 2.07
N VAL B 700 -49.79 6.89 2.44
CA VAL B 700 -49.44 6.98 3.85
C VAL B 700 -50.24 8.08 4.54
N GLU B 701 -50.51 9.18 3.82
CA GLU B 701 -51.36 10.24 4.37
C GLU B 701 -52.79 9.76 4.59
N GLY B 702 -53.32 8.97 3.65
CA GLY B 702 -54.63 8.37 3.84
C GLY B 702 -54.66 7.38 4.98
N ALA B 703 -53.57 6.64 5.18
CA ALA B 703 -53.49 5.72 6.32
C ALA B 703 -53.45 6.49 7.64
N ILE B 704 -52.73 7.61 7.67
CA ILE B 704 -52.68 8.44 8.87
C ILE B 704 -54.06 9.03 9.17
N ARG B 705 -54.75 9.53 8.14
CA ARG B 705 -56.07 10.11 8.37
C ARG B 705 -57.14 9.05 8.63
N MET B 706 -56.90 7.80 8.24
CA MET B 706 -57.85 6.73 8.54
C MET B 706 -57.78 6.31 10.01
N SER B 707 -56.57 6.16 10.55
CA SER B 707 -56.35 5.68 11.90
C SER B 707 -55.69 6.73 12.76
N ARG B 708 -56.16 7.97 12.66
CA ARG B 708 -55.57 9.07 13.44
C ARG B 708 -55.86 8.93 14.92
N SER B 709 -57.00 8.33 15.28
CA SER B 709 -57.42 8.28 16.67
C SER B 709 -56.47 7.44 17.52
N ARG B 710 -56.11 6.25 17.04
CA ARG B 710 -55.21 5.37 17.79
C ARG B 710 -53.81 5.97 17.89
N ILE B 711 -53.33 6.58 16.81
CA ILE B 711 -52.00 7.18 16.81
C ILE B 711 -51.93 8.35 17.79
N ASN B 712 -52.95 9.21 17.78
CA ASN B 712 -52.94 10.34 18.71
C ASN B 712 -53.34 9.96 20.12
N ASP B 713 -53.96 8.79 20.33
CA ASP B 713 -54.23 8.32 21.67
C ASP B 713 -53.08 7.49 22.25
N ALA B 714 -52.13 7.07 21.41
CA ALA B 714 -50.98 6.34 21.92
C ALA B 714 -49.99 7.23 22.66
N PHE B 715 -50.07 8.55 22.47
CA PHE B 715 -49.15 9.49 23.12
C PHE B 715 -49.86 10.55 23.95
N ARG B 716 -51.19 10.44 24.11
CA ARG B 716 -52.00 11.35 24.94
C ARG B 716 -51.87 12.80 24.46
N LEU B 717 -52.30 13.04 23.22
CA LEU B 717 -52.22 14.36 22.62
C LEU B 717 -53.27 14.48 21.54
N ASP B 718 -53.50 15.72 21.09
CA ASP B 718 -54.49 16.00 20.07
C ASP B 718 -53.82 16.06 18.69
N ASP B 719 -54.63 16.33 17.67
CA ASP B 719 -54.13 16.41 16.30
C ASP B 719 -53.42 17.73 16.00
N ASN B 720 -53.52 18.72 16.89
CA ASN B 720 -52.83 19.98 16.66
C ASN B 720 -51.34 19.89 16.95
N SER B 721 -50.94 19.04 17.92
CA SER B 721 -49.54 18.95 18.28
C SER B 721 -48.73 18.22 17.21
N LEU B 722 -49.24 17.11 16.69
CA LEU B 722 -48.62 16.40 15.59
C LEU B 722 -49.22 16.94 14.29
N GLU B 723 -48.44 17.77 13.58
CA GLU B 723 -48.99 18.48 12.42
C GLU B 723 -49.26 17.54 11.26
N PHE B 724 -48.34 16.62 10.98
CA PHE B 724 -48.40 15.68 9.86
C PHE B 724 -48.59 16.41 8.53
N LEU B 725 -47.64 17.28 8.24
CA LEU B 725 -47.71 18.12 7.04
C LEU B 725 -47.45 17.33 5.76
#